data_4OBW
#
_entry.id   4OBW
#
_cell.length_a   193.340
_cell.length_b   74.960
_cell.length_c   84.080
_cell.angle_alpha   90.00
_cell.angle_beta   91.85
_cell.angle_gamma   90.00
#
_symmetry.space_group_name_H-M   'C 1 2 1'
#
loop_
_entity.id
_entity.type
_entity.pdbx_description
1 polymer '2-methoxy-6-polyprenyl-1,4-benzoquinol methylase, mitochondrial'
2 non-polymer TRIS(HYDROXYETHYL)AMINOMETHANE
3 non-polymer S-ADENOSYLMETHIONINE
4 water water
#
_entity_poly.entity_id   1
_entity_poly.type   'polypeptide(L)'
_entity_poly.pdbx_seq_one_letter_code
;MGHHHHHQHMSTKQKLVGDVFSSVANRYDLMNDVMSLGIHRLWKDHFINKLDAGKRPNSTTPLNFIDVAGGSGDIAFGLL
DHAESKFGDTESTMDIVDINPDMLKEGEKRAMEQGKYFKDPRVRFLVSNGEKLEEIDSDSKDIYTVSFGIRNFTDIQKGL
NTAYRVLKPGGIFYCLEFSKIENPLMDFAYQQWAKVLPVMGSMIANDYDSYQYLVESIERFPDQETFKSMIEKAGFKSAG
YESLTFGICAIHWGIKV
;
_entity_poly.pdbx_strand_id   A,D,C,B
#
loop_
_chem_comp.id
_chem_comp.type
_chem_comp.name
_chem_comp.formula
SAM non-polymer S-ADENOSYLMETHIONINE 'C15 H22 N6 O5 S'
TAM non-polymer TRIS(HYDROXYETHYL)AMINOMETHANE 'C7 H17 N O3'
#
# COMPACT_ATOMS: atom_id res chain seq x y z
N VAL A 24 26.45 -0.69 16.02
CA VAL A 24 26.61 -0.37 14.57
C VAL A 24 25.34 -0.74 13.80
N ALA A 25 24.85 -1.96 14.04
CA ALA A 25 23.61 -2.44 13.42
C ALA A 25 22.39 -1.74 14.02
N ASN A 26 22.50 -1.33 15.29
CA ASN A 26 21.48 -0.52 15.94
C ASN A 26 21.33 0.83 15.24
N ARG A 27 22.46 1.41 14.84
CA ARG A 27 22.49 2.68 14.11
C ARG A 27 21.77 2.59 12.77
N TYR A 28 21.97 1.47 12.06
CA TYR A 28 21.30 1.23 10.78
C TYR A 28 19.81 0.97 10.94
N ASP A 29 19.44 0.25 12.00
CA ASP A 29 18.03 -0.01 12.32
C ASP A 29 17.31 1.29 12.70
N LEU A 30 18.03 2.19 13.35
CA LEU A 30 17.49 3.49 13.74
C LEU A 30 17.21 4.37 12.53
N MET A 31 18.19 4.48 11.64
CA MET A 31 18.06 5.31 10.44
C MET A 31 16.97 4.78 9.49
N ASN A 32 16.81 3.46 9.46
CA ASN A 32 15.70 2.83 8.74
C ASN A 32 14.34 3.23 9.31
N ASP A 33 14.21 3.14 10.64
CA ASP A 33 12.99 3.52 11.34
C ASP A 33 12.65 4.97 11.11
N VAL A 34 13.66 5.84 11.24
CA VAL A 34 13.48 7.28 11.12
C VAL A 34 13.05 7.70 9.71
N MET A 35 13.74 7.20 8.70
CA MET A 35 13.48 7.57 7.31
C MET A 35 12.14 7.06 6.79
N SER A 36 11.76 5.85 7.23
CA SER A 36 10.51 5.23 6.78
C SER A 36 9.36 5.42 7.77
N LEU A 37 9.69 5.92 8.96
CA LEU A 37 8.73 6.01 10.08
C LEU A 37 8.23 4.63 10.49
N GLY A 38 9.15 3.66 10.51
CA GLY A 38 8.84 2.27 10.89
C GLY A 38 8.22 1.41 9.80
N ILE A 39 7.91 2.01 8.65
CA ILE A 39 7.21 1.34 7.56
C ILE A 39 8.13 0.36 6.79
N HIS A 40 9.44 0.53 6.93
CA HIS A 40 10.42 -0.31 6.23
C HIS A 40 10.24 -1.79 6.50
N ARG A 41 9.69 -2.12 7.66
CA ARG A 41 9.36 -3.50 8.01
C ARG A 41 8.21 -4.04 7.16
N LEU A 42 7.24 -3.19 6.82
CA LEU A 42 6.15 -3.55 5.93
C LEU A 42 6.63 -3.70 4.49
N TRP A 43 7.61 -2.88 4.11
CA TRP A 43 8.24 -3.00 2.79
C TRP A 43 8.96 -4.31 2.66
N LYS A 44 9.71 -4.67 3.69
CA LYS A 44 10.49 -5.92 3.72
C LYS A 44 9.62 -7.17 3.77
N ASP A 45 8.49 -7.09 4.47
CA ASP A 45 7.53 -8.20 4.50
C ASP A 45 6.80 -8.38 3.18
N HIS A 46 6.53 -7.27 2.49
CA HIS A 46 5.95 -7.32 1.14
C HIS A 46 6.94 -7.87 0.15
N PHE A 47 8.19 -7.44 0.28
CA PHE A 47 9.32 -7.90 -0.54
C PHE A 47 9.47 -9.41 -0.53
N ILE A 48 9.49 -9.99 0.68
CA ILE A 48 9.63 -11.43 0.86
C ILE A 48 8.41 -12.19 0.34
N ASN A 49 7.22 -11.68 0.66
CA ASN A 49 5.96 -12.29 0.22
C ASN A 49 5.77 -12.28 -1.29
N LYS A 50 6.23 -11.20 -1.93
CA LYS A 50 6.12 -11.06 -3.39
C LYS A 50 7.08 -12.00 -4.11
N LEU A 51 8.31 -12.07 -3.63
CA LEU A 51 9.33 -12.99 -4.16
C LEU A 51 8.82 -14.43 -4.11
N ASP A 52 8.25 -14.81 -2.96
CA ASP A 52 7.60 -16.10 -2.77
C ASP A 52 8.57 -17.26 -3.07
N ALA A 53 9.77 -17.18 -2.50
CA ALA A 53 10.83 -18.13 -2.78
C ALA A 53 10.84 -19.30 -1.80
N GLY A 54 11.24 -20.47 -2.31
CA GLY A 54 11.34 -21.68 -1.51
C GLY A 54 11.07 -22.94 -2.32
N LYS A 55 11.62 -24.07 -1.86
CA LYS A 55 11.32 -25.35 -2.47
C LYS A 55 9.88 -25.73 -2.17
N ARG A 56 9.11 -25.94 -3.23
CA ARG A 56 7.71 -26.35 -3.12
C ARG A 56 7.61 -27.80 -2.64
N PRO A 57 6.50 -28.15 -1.95
CA PRO A 57 6.34 -29.51 -1.42
C PRO A 57 6.29 -30.60 -2.50
N ASN A 58 6.06 -30.21 -3.75
CA ASN A 58 6.10 -31.15 -4.88
C ASN A 58 7.49 -31.25 -5.50
N SER A 59 8.47 -30.62 -4.86
CA SER A 59 9.86 -30.60 -5.33
C SER A 59 10.80 -31.23 -4.31
N THR A 60 11.98 -31.65 -4.78
CA THR A 60 12.99 -32.24 -3.91
C THR A 60 14.33 -31.49 -3.95
N THR A 61 14.38 -30.43 -4.74
CA THR A 61 15.60 -29.64 -4.92
C THR A 61 15.60 -28.38 -4.05
N PRO A 62 16.55 -28.29 -3.10
CA PRO A 62 16.71 -27.07 -2.30
C PRO A 62 17.27 -25.93 -3.12
N LEU A 63 16.86 -24.70 -2.79
CA LEU A 63 17.33 -23.50 -3.48
C LEU A 63 18.58 -22.94 -2.82
N ASN A 64 19.43 -22.30 -3.62
CA ASN A 64 20.61 -21.63 -3.11
C ASN A 64 20.42 -20.12 -3.08
N PHE A 65 20.16 -19.59 -1.89
CA PHE A 65 19.95 -18.16 -1.69
C PHE A 65 21.26 -17.43 -1.47
N ILE A 66 21.36 -16.23 -2.00
CA ILE A 66 22.41 -15.30 -1.60
C ILE A 66 21.80 -13.95 -1.20
N ASP A 67 22.17 -13.47 -0.02
CA ASP A 67 21.71 -12.18 0.46
C ASP A 67 22.91 -11.26 0.64
N VAL A 68 22.84 -10.08 0.04
CA VAL A 68 23.96 -9.15 0.03
C VAL A 68 23.62 -7.84 0.73
N ALA A 69 24.60 -7.29 1.44
CA ALA A 69 24.50 -5.98 2.10
C ALA A 69 23.40 -5.95 3.17
N GLY A 70 23.31 -7.03 3.94
CA GLY A 70 22.37 -7.14 5.05
C GLY A 70 22.93 -8.08 6.10
N GLY A 71 24.08 -7.71 6.66
CA GLY A 71 24.80 -8.53 7.64
C GLY A 71 24.03 -8.85 8.90
N SER A 72 23.14 -7.95 9.30
CA SER A 72 22.30 -8.11 10.49
C SER A 72 21.31 -9.26 10.35
N GLY A 73 20.90 -9.54 9.11
CA GLY A 73 20.10 -10.73 8.80
C GLY A 73 18.61 -10.55 8.65
N ASP A 74 18.13 -9.31 8.68
CA ASP A 74 16.70 -9.01 8.58
C ASP A 74 16.00 -9.76 7.43
N ILE A 75 16.54 -9.62 6.22
CA ILE A 75 15.96 -10.21 5.03
C ILE A 75 16.30 -11.69 4.92
N ALA A 76 17.56 -12.02 5.21
CA ALA A 76 18.04 -13.40 5.15
C ALA A 76 17.21 -14.36 6.01
N PHE A 77 17.06 -14.02 7.29
CA PHE A 77 16.29 -14.84 8.22
C PHE A 77 14.82 -14.89 7.82
N GLY A 78 14.31 -13.77 7.32
CA GLY A 78 12.92 -13.66 6.87
C GLY A 78 12.62 -14.54 5.67
N LEU A 79 13.56 -14.62 4.74
CA LEU A 79 13.42 -15.45 3.55
C LEU A 79 13.36 -16.93 3.91
N LEU A 80 14.25 -17.37 4.79
CA LEU A 80 14.29 -18.75 5.23
C LEU A 80 13.07 -19.11 6.08
N ASP A 81 12.64 -18.18 6.93
CA ASP A 81 11.42 -18.36 7.73
C ASP A 81 10.17 -18.51 6.86
N HIS A 82 10.09 -17.70 5.81
CA HIS A 82 8.96 -17.73 4.87
C HIS A 82 8.89 -19.04 4.12
N ALA A 83 10.05 -19.50 3.64
CA ALA A 83 10.14 -20.77 2.91
C ALA A 83 9.71 -21.94 3.79
N GLU A 84 10.05 -21.89 5.07
CA GLU A 84 9.66 -22.92 6.03
C GLU A 84 8.15 -22.85 6.35
N SER A 85 7.64 -21.64 6.56
CA SER A 85 6.24 -21.45 6.93
C SER A 85 5.26 -21.82 5.81
N LYS A 86 5.55 -21.36 4.60
CA LYS A 86 4.62 -21.50 3.48
C LYS A 86 4.77 -22.83 2.73
N PHE A 87 5.98 -23.37 2.72
CA PHE A 87 6.27 -24.55 1.89
C PHE A 87 6.78 -25.75 2.67
N GLY A 88 7.26 -25.53 3.88
CA GLY A 88 7.85 -26.59 4.69
C GLY A 88 9.31 -26.81 4.33
N ASP A 89 9.87 -25.86 3.59
CA ASP A 89 11.25 -25.91 3.12
C ASP A 89 12.24 -25.61 4.23
N THR A 90 12.92 -26.66 4.71
CA THR A 90 13.94 -26.51 5.75
C THR A 90 15.30 -27.01 5.26
N GLU A 91 15.53 -26.87 3.95
CA GLU A 91 16.72 -27.42 3.31
C GLU A 91 17.51 -26.41 2.47
N SER A 92 16.82 -25.38 1.97
CA SER A 92 17.47 -24.35 1.14
C SER A 92 18.60 -23.64 1.88
N THR A 93 19.73 -23.45 1.19
CA THR A 93 20.91 -22.81 1.77
C THR A 93 20.87 -21.30 1.59
N MET A 94 21.63 -20.59 2.43
CA MET A 94 21.63 -19.13 2.45
C MET A 94 23.02 -18.59 2.73
N ASP A 95 23.49 -17.72 1.83
CA ASP A 95 24.77 -17.03 2.01
C ASP A 95 24.54 -15.56 2.33
N ILE A 96 24.81 -15.19 3.58
CA ILE A 96 24.68 -13.80 4.04
C ILE A 96 26.01 -13.08 3.86
N VAL A 97 26.02 -12.11 2.94
CA VAL A 97 27.25 -11.44 2.54
C VAL A 97 27.20 -9.95 2.87
N ASP A 98 28.21 -9.49 3.61
CA ASP A 98 28.34 -8.08 3.94
C ASP A 98 29.82 -7.72 3.96
N ILE A 99 30.13 -6.50 3.53
CA ILE A 99 31.53 -6.01 3.52
C ILE A 99 32.01 -5.64 4.93
N ASN A 100 31.06 -5.43 5.84
CA ASN A 100 31.36 -5.06 7.23
C ASN A 100 31.31 -6.27 8.15
N PRO A 101 32.46 -6.66 8.73
CA PRO A 101 32.53 -7.80 9.64
C PRO A 101 31.71 -7.58 10.91
N ASP A 102 31.64 -6.32 11.36
CA ASP A 102 30.83 -5.95 12.53
C ASP A 102 29.35 -6.25 12.35
N MET A 103 28.86 -6.05 11.12
CA MET A 103 27.46 -6.33 10.78
C MET A 103 27.14 -7.81 10.83
N LEU A 104 28.09 -8.62 10.35
CA LEU A 104 27.93 -10.08 10.34
C LEU A 104 28.01 -10.69 11.74
N LYS A 105 28.79 -10.06 12.62
CA LYS A 105 28.87 -10.46 14.03
C LYS A 105 27.49 -10.32 14.69
N GLU A 106 26.81 -9.21 14.37
CA GLU A 106 25.47 -8.94 14.89
C GLU A 106 24.46 -9.98 14.40
N GLY A 107 24.53 -10.32 13.11
CA GLY A 107 23.69 -11.35 12.53
C GLY A 107 23.85 -12.69 13.21
N GLU A 108 25.10 -13.05 13.52
CA GLU A 108 25.42 -14.27 14.26
C GLU A 108 24.95 -14.19 15.71
N LYS A 109 24.98 -12.98 16.27
CA LYS A 109 24.46 -12.74 17.62
C LYS A 109 22.93 -12.83 17.63
N ARG A 110 22.30 -12.28 16.59
CA ARG A 110 20.85 -12.34 16.42
C ARG A 110 20.38 -13.79 16.30
N ALA A 111 21.07 -14.56 15.46
CA ALA A 111 20.76 -15.97 15.24
C ALA A 111 20.91 -16.83 16.49
N MET A 112 21.91 -16.51 17.31
CA MET A 112 22.15 -17.21 18.57
C MET A 112 21.03 -16.93 19.57
N GLU A 113 20.68 -15.66 19.73
CA GLU A 113 19.63 -15.24 20.65
C GLU A 113 18.24 -15.64 20.16
N GLN A 114 18.11 -15.83 18.85
CA GLN A 114 16.87 -16.27 18.22
C GLN A 114 16.66 -17.77 18.43
N GLY A 115 17.75 -18.49 18.61
CA GLY A 115 17.72 -19.96 18.70
C GLY A 115 17.48 -20.60 17.34
N LYS A 116 17.86 -19.90 16.27
CA LYS A 116 17.62 -20.35 14.91
C LYS A 116 18.64 -19.76 13.94
N TYR A 117 19.11 -20.61 13.03
CA TYR A 117 20.10 -20.25 12.00
C TYR A 117 21.50 -19.96 12.53
N PHE A 118 21.74 -20.27 13.81
CA PHE A 118 23.06 -20.17 14.40
C PHE A 118 23.70 -21.55 14.44
N LYS A 119 24.96 -21.62 14.00
CA LYS A 119 25.67 -22.89 13.80
C LYS A 119 24.83 -23.88 12.99
N ASP A 120 24.34 -23.38 11.85
CA ASP A 120 23.52 -24.13 10.93
C ASP A 120 24.30 -24.29 9.63
N PRO A 121 24.47 -25.53 9.13
CA PRO A 121 25.19 -25.76 7.87
C PRO A 121 24.53 -25.07 6.67
N ARG A 122 23.22 -24.80 6.78
CA ARG A 122 22.46 -24.12 5.74
C ARG A 122 22.83 -22.65 5.60
N VAL A 123 23.19 -22.03 6.72
CA VAL A 123 23.41 -20.58 6.77
C VAL A 123 24.88 -20.23 6.96
N ARG A 124 25.44 -19.51 5.99
CA ARG A 124 26.81 -19.03 6.08
C ARG A 124 26.86 -17.50 6.11
N PHE A 125 27.72 -16.98 6.99
CA PHE A 125 27.98 -15.55 7.11
C PHE A 125 29.35 -15.27 6.50
N LEU A 126 29.40 -14.39 5.50
CA LEU A 126 30.64 -14.18 4.73
C LEU A 126 31.00 -12.70 4.56
N VAL A 127 32.25 -12.38 4.86
CA VAL A 127 32.80 -11.06 4.56
C VAL A 127 33.20 -11.03 3.09
N SER A 128 32.61 -10.09 2.34
CA SER A 128 32.92 -9.92 0.92
C SER A 128 32.32 -8.63 0.38
N ASN A 129 32.98 -8.06 -0.64
CA ASN A 129 32.45 -6.91 -1.36
C ASN A 129 31.37 -7.35 -2.35
N GLY A 130 30.19 -6.77 -2.22
CA GLY A 130 29.04 -7.09 -3.08
C GLY A 130 29.25 -6.76 -4.54
N GLU A 131 30.19 -5.86 -4.83
CA GLU A 131 30.51 -5.49 -6.21
C GLU A 131 31.25 -6.59 -6.98
N LYS A 132 31.85 -7.53 -6.26
CA LYS A 132 32.69 -8.55 -6.88
C LYS A 132 32.34 -9.99 -6.49
N LEU A 133 31.97 -10.21 -5.22
CA LEU A 133 31.67 -11.54 -4.68
C LEU A 133 32.63 -12.63 -5.17
N GLU A 134 33.92 -12.40 -4.94
CA GLU A 134 34.98 -13.27 -5.44
C GLU A 134 34.92 -14.70 -4.89
N GLU A 135 34.52 -14.83 -3.63
CA GLU A 135 34.43 -16.13 -2.96
C GLU A 135 33.19 -16.93 -3.38
N ILE A 136 32.31 -16.29 -4.16
CA ILE A 136 31.10 -16.96 -4.65
C ILE A 136 31.28 -17.39 -6.10
N ASP A 137 31.04 -18.67 -6.37
CA ASP A 137 31.24 -19.26 -7.70
C ASP A 137 30.15 -18.82 -8.69
N SER A 138 30.51 -18.77 -9.96
CA SER A 138 29.59 -18.43 -11.04
C SER A 138 28.52 -19.49 -11.19
N ASP A 139 27.30 -19.06 -11.48
CA ASP A 139 26.14 -19.96 -11.69
C ASP A 139 25.97 -20.97 -10.55
N SER A 140 25.87 -20.46 -9.33
CA SER A 140 25.73 -21.30 -8.14
C SER A 140 24.51 -20.95 -7.30
N LYS A 141 23.84 -19.84 -7.63
CA LYS A 141 22.71 -19.34 -6.84
C LYS A 141 21.40 -19.30 -7.61
N ASP A 142 20.30 -19.60 -6.90
CA ASP A 142 18.96 -19.54 -7.45
C ASP A 142 18.31 -18.18 -7.22
N ILE A 143 18.58 -17.60 -6.04
CA ILE A 143 17.98 -16.33 -5.62
C ILE A 143 19.06 -15.35 -5.15
N TYR A 144 19.00 -14.13 -5.68
CA TYR A 144 19.86 -13.03 -5.24
C TYR A 144 19.02 -11.90 -4.68
N THR A 145 19.22 -11.58 -3.40
CA THR A 145 18.50 -10.47 -2.78
C THR A 145 19.43 -9.41 -2.19
N VAL A 146 19.09 -8.16 -2.42
CA VAL A 146 19.76 -7.03 -1.81
C VAL A 146 18.70 -6.03 -1.31
N SER A 147 18.82 -5.64 -0.06
CA SER A 147 17.83 -4.79 0.59
C SER A 147 18.47 -3.56 1.21
N PHE A 148 18.16 -2.40 0.63
CA PHE A 148 18.67 -1.10 1.08
C PHE A 148 20.19 -1.02 1.22
N GLY A 149 20.90 -1.75 0.36
CA GLY A 149 22.36 -1.81 0.40
C GLY A 149 23.06 -1.42 -0.88
N ILE A 150 22.40 -1.65 -2.01
CA ILE A 150 22.99 -1.40 -3.33
C ILE A 150 23.30 0.08 -3.61
N ARG A 151 22.60 0.98 -2.94
CA ARG A 151 22.83 2.43 -3.09
C ARG A 151 24.14 2.88 -2.46
N ASN A 152 24.70 2.05 -1.59
CA ASN A 152 26.00 2.31 -0.96
C ASN A 152 27.18 1.79 -1.78
N PHE A 153 26.89 0.95 -2.77
CA PHE A 153 27.91 0.44 -3.70
C PHE A 153 28.53 1.62 -4.46
N THR A 154 29.86 1.64 -4.51
CA THR A 154 30.58 2.71 -5.22
C THR A 154 30.33 2.64 -6.72
N ASP A 155 30.16 1.42 -7.23
CA ASP A 155 29.75 1.19 -8.61
C ASP A 155 28.57 0.23 -8.63
N ILE A 156 27.40 0.75 -8.98
CA ILE A 156 26.15 -0.03 -8.96
C ILE A 156 26.11 -1.07 -10.07
N GLN A 157 26.58 -0.70 -11.25
CA GLN A 157 26.60 -1.60 -12.41
C GLN A 157 27.46 -2.84 -12.16
N LYS A 158 28.61 -2.64 -11.51
CA LYS A 158 29.50 -3.73 -11.13
C LYS A 158 28.80 -4.73 -10.20
N GLY A 159 27.96 -4.22 -9.31
CA GLY A 159 27.17 -5.04 -8.41
C GLY A 159 26.12 -5.83 -9.16
N LEU A 160 25.51 -5.21 -10.16
CA LEU A 160 24.49 -5.87 -10.99
C LEU A 160 25.08 -6.95 -11.90
N ASN A 161 26.24 -6.67 -12.48
CA ASN A 161 26.98 -7.62 -13.30
C ASN A 161 27.41 -8.85 -12.48
N THR A 162 27.89 -8.61 -11.27
CA THR A 162 28.27 -9.66 -10.34
C THR A 162 27.08 -10.52 -9.92
N ALA A 163 25.94 -9.87 -9.70
CA ALA A 163 24.69 -10.55 -9.37
C ALA A 163 24.29 -11.48 -10.50
N TYR A 164 24.50 -11.04 -11.74
CA TYR A 164 24.22 -11.88 -12.91
C TYR A 164 25.17 -13.08 -13.00
N ARG A 165 26.41 -12.87 -12.58
CA ARG A 165 27.45 -13.90 -12.66
C ARG A 165 27.19 -15.07 -11.72
N VAL A 166 26.84 -14.78 -10.47
CA VAL A 166 26.65 -15.83 -9.45
C VAL A 166 25.36 -16.63 -9.62
N LEU A 167 24.40 -16.08 -10.34
CA LEU A 167 23.09 -16.72 -10.52
C LEU A 167 23.10 -17.86 -11.54
N LYS A 168 22.25 -18.86 -11.30
CA LYS A 168 22.02 -19.97 -12.24
C LYS A 168 21.11 -19.49 -13.37
N PRO A 169 21.10 -20.21 -14.51
CA PRO A 169 20.06 -19.94 -15.51
C PRO A 169 18.68 -20.14 -14.88
N GLY A 170 17.82 -19.14 -15.02
CA GLY A 170 16.52 -19.15 -14.35
C GLY A 170 16.58 -18.54 -12.95
N GLY A 171 17.75 -18.02 -12.60
CA GLY A 171 17.98 -17.37 -11.31
C GLY A 171 17.31 -16.00 -11.24
N ILE A 172 16.86 -15.63 -10.05
CA ILE A 172 16.13 -14.39 -9.87
C ILE A 172 16.93 -13.37 -9.05
N PHE A 173 17.10 -12.19 -9.63
CA PHE A 173 17.64 -11.03 -8.92
C PHE A 173 16.45 -10.23 -8.36
N TYR A 174 16.54 -9.90 -7.07
CA TYR A 174 15.47 -9.17 -6.39
C TYR A 174 16.08 -8.07 -5.54
N CYS A 175 15.58 -6.84 -5.71
CA CYS A 175 16.18 -5.67 -5.07
C CYS A 175 15.15 -4.79 -4.38
N LEU A 176 15.43 -4.45 -3.13
CA LEU A 176 14.64 -3.45 -2.40
C LEU A 176 15.55 -2.27 -2.10
N GLU A 177 15.15 -1.10 -2.61
CA GLU A 177 15.97 0.10 -2.49
C GLU A 177 15.12 1.37 -2.60
N PHE A 178 15.60 2.45 -1.98
CA PHE A 178 15.00 3.77 -2.14
C PHE A 178 15.01 4.17 -3.61
N SER A 179 13.99 4.93 -4.03
CA SER A 179 13.81 5.27 -5.43
C SER A 179 13.39 6.74 -5.60
N LYS A 180 12.83 7.07 -6.75
CA LYS A 180 12.29 8.42 -6.98
C LYS A 180 10.78 8.42 -6.75
N ILE A 181 10.33 9.39 -5.95
CA ILE A 181 8.91 9.53 -5.62
C ILE A 181 8.12 10.02 -6.83
N GLU A 182 7.03 9.33 -7.12
CA GLU A 182 6.20 9.60 -8.29
C GLU A 182 4.94 10.41 -7.97
N ASN A 183 4.64 10.57 -6.68
CA ASN A 183 3.54 11.38 -6.20
C ASN A 183 4.07 12.77 -5.81
N PRO A 184 3.71 13.81 -6.59
CA PRO A 184 4.22 15.18 -6.40
C PRO A 184 4.01 15.74 -4.98
N LEU A 185 2.89 15.39 -4.36
CA LEU A 185 2.61 15.84 -3.00
C LEU A 185 3.48 15.12 -1.98
N MET A 186 3.67 13.83 -2.18
CA MET A 186 4.59 13.03 -1.36
C MET A 186 6.02 13.54 -1.55
N ASP A 187 6.37 13.89 -2.78
CA ASP A 187 7.69 14.44 -3.10
C ASP A 187 7.92 15.76 -2.37
N PHE A 188 6.94 16.65 -2.43
CA PHE A 188 6.99 17.94 -1.73
C PHE A 188 7.23 17.76 -0.24
N ALA A 189 6.42 16.90 0.39
CA ALA A 189 6.57 16.57 1.81
C ALA A 189 7.95 15.99 2.12
N TYR A 190 8.43 15.10 1.24
CA TYR A 190 9.75 14.50 1.39
C TYR A 190 10.90 15.51 1.30
N GLN A 191 10.77 16.51 0.42
CA GLN A 191 11.81 17.52 0.27
C GLN A 191 11.96 18.39 1.53
N GLN A 192 10.85 18.66 2.21
CA GLN A 192 10.90 19.37 3.49
C GLN A 192 11.52 18.47 4.55
N TRP A 193 11.13 17.22 4.53
CA TRP A 193 11.69 16.15 5.37
C TRP A 193 13.19 16.07 5.22
N ALA A 194 13.64 16.03 3.97
CA ALA A 194 15.06 15.88 3.65
C ALA A 194 15.90 17.08 4.08
N LYS A 195 15.29 18.26 4.11
CA LYS A 195 15.99 19.48 4.53
C LYS A 195 16.11 19.56 6.05
N VAL A 196 15.02 19.25 6.76
CA VAL A 196 14.99 19.36 8.21
C VAL A 196 15.67 18.19 8.94
N LEU A 197 15.58 16.99 8.36
CA LEU A 197 16.13 15.78 9.00
C LEU A 197 17.60 15.91 9.43
N PRO A 198 18.50 16.30 8.50
CA PRO A 198 19.91 16.47 8.87
C PRO A 198 20.15 17.60 9.85
N VAL A 199 19.26 18.60 9.85
CA VAL A 199 19.34 19.71 10.79
C VAL A 199 19.07 19.21 12.22
N MET A 200 18.03 18.40 12.38
CA MET A 200 17.75 17.74 13.66
C MET A 200 18.86 16.75 14.03
N GLY A 201 19.45 16.12 13.02
CA GLY A 201 20.60 15.24 13.21
C GLY A 201 21.76 15.99 13.84
N SER A 202 22.01 17.20 13.35
CA SER A 202 23.08 18.06 13.86
C SER A 202 22.78 18.60 15.26
N MET A 203 21.50 18.89 15.50
CA MET A 203 21.06 19.57 16.71
C MET A 203 20.79 18.61 17.88
N ILE A 204 20.16 17.47 17.59
CA ILE A 204 19.85 16.47 18.63
C ILE A 204 20.95 15.42 18.77
N ALA A 205 21.39 14.87 17.64
CA ALA A 205 22.30 13.73 17.64
C ALA A 205 23.77 14.11 17.42
N ASN A 206 24.02 15.41 17.22
CA ASN A 206 25.37 15.91 16.93
C ASN A 206 25.98 15.17 15.72
N ASP A 207 25.13 14.86 14.75
CA ASP A 207 25.52 14.04 13.61
C ASP A 207 24.78 14.47 12.34
N TYR A 208 25.21 15.61 11.78
CA TYR A 208 24.70 16.12 10.52
C TYR A 208 25.08 15.19 9.37
N ASP A 209 26.33 14.75 9.36
CA ASP A 209 26.91 14.01 8.25
C ASP A 209 26.14 12.76 7.82
N SER A 210 25.89 11.86 8.76
CA SER A 210 25.21 10.59 8.47
C SER A 210 23.88 10.79 7.76
N TYR A 211 23.06 11.70 8.28
CA TYR A 211 21.74 11.98 7.74
C TYR A 211 21.78 12.69 6.38
N GLN A 212 22.71 13.62 6.22
CA GLN A 212 22.91 14.31 4.95
C GLN A 212 23.47 13.35 3.88
N TYR A 213 24.37 12.47 4.31
CA TYR A 213 24.91 11.42 3.45
C TYR A 213 23.82 10.47 2.97
N LEU A 214 22.91 10.11 3.88
CA LEU A 214 21.77 9.27 3.56
C LEU A 214 20.83 9.94 2.55
N VAL A 215 20.51 11.20 2.79
CA VAL A 215 19.67 11.99 1.87
C VAL A 215 20.31 12.09 0.48
N GLU A 216 21.61 12.36 0.44
CA GLU A 216 22.36 12.48 -0.81
C GLU A 216 22.51 11.15 -1.55
N SER A 217 22.68 10.06 -0.81
CA SER A 217 22.79 8.72 -1.42
C SER A 217 21.46 8.27 -2.06
N ILE A 218 20.36 8.70 -1.46
CA ILE A 218 19.02 8.46 -2.03
C ILE A 218 18.79 9.32 -3.27
N GLU A 219 19.26 10.57 -3.21
CA GLU A 219 19.09 11.51 -4.31
C GLU A 219 19.87 11.12 -5.57
N ARG A 220 21.10 10.64 -5.41
CA ARG A 220 21.95 10.29 -6.55
C ARG A 220 21.68 8.90 -7.13
N PHE A 221 20.81 8.12 -6.47
CA PHE A 221 20.46 6.77 -6.94
C PHE A 221 19.53 6.84 -8.16
N PRO A 222 19.76 5.96 -9.15
CA PRO A 222 18.95 5.97 -10.39
C PRO A 222 17.47 5.74 -10.13
N ASP A 223 16.62 6.42 -10.91
CA ASP A 223 15.18 6.24 -10.82
C ASP A 223 14.74 4.87 -11.32
N GLN A 224 13.44 4.59 -11.20
CA GLN A 224 12.88 3.28 -11.54
C GLN A 224 13.23 2.77 -12.92
N GLU A 225 13.16 3.64 -13.93
CA GLU A 225 13.41 3.26 -15.33
C GLU A 225 14.90 3.12 -15.63
N THR A 226 15.71 3.98 -15.03
CA THR A 226 17.16 3.97 -15.23
C THR A 226 17.79 2.72 -14.60
N PHE A 227 17.36 2.39 -13.39
CA PHE A 227 17.85 1.22 -12.67
C PHE A 227 17.45 -0.07 -13.37
N LYS A 228 16.22 -0.10 -13.91
CA LYS A 228 15.74 -1.20 -14.72
C LYS A 228 16.63 -1.42 -15.95
N SER A 229 16.99 -0.34 -16.63
CA SER A 229 17.88 -0.38 -17.79
C SER A 229 19.24 -0.97 -17.42
N MET A 230 19.78 -0.55 -16.27
CA MET A 230 21.06 -1.03 -15.77
C MET A 230 21.02 -2.54 -15.48
N ILE A 231 19.87 -3.01 -14.99
CA ILE A 231 19.64 -4.42 -14.73
C ILE A 231 19.60 -5.20 -16.05
N GLU A 232 19.02 -4.59 -17.07
CA GLU A 232 18.97 -5.17 -18.41
C GLU A 232 20.34 -5.16 -19.08
N LYS A 233 21.16 -4.16 -18.76
CA LYS A 233 22.54 -4.09 -19.25
C LYS A 233 23.41 -5.20 -18.63
N ALA A 234 23.04 -5.64 -17.43
CA ALA A 234 23.73 -6.73 -16.75
C ALA A 234 23.49 -8.08 -17.43
N GLY A 235 22.40 -8.16 -18.21
CA GLY A 235 22.06 -9.37 -18.95
C GLY A 235 20.70 -9.95 -18.60
N PHE A 236 20.10 -9.44 -17.52
CA PHE A 236 18.83 -9.94 -17.01
C PHE A 236 17.69 -9.73 -18.00
N LYS A 237 16.80 -10.71 -18.07
CA LYS A 237 15.63 -10.64 -18.94
C LYS A 237 14.35 -10.48 -18.12
N SER A 238 13.28 -10.07 -18.79
CA SER A 238 11.98 -9.83 -18.17
C SER A 238 12.09 -9.02 -16.88
N ALA A 239 12.86 -7.93 -16.95
CA ALA A 239 13.06 -7.03 -15.82
C ALA A 239 11.80 -6.22 -15.55
N GLY A 240 11.62 -5.81 -14.30
CA GLY A 240 10.48 -5.01 -13.90
C GLY A 240 10.65 -4.43 -12.50
N TYR A 241 9.72 -3.56 -12.13
CA TYR A 241 9.74 -2.96 -10.81
C TYR A 241 8.34 -2.71 -10.29
N GLU A 242 8.23 -2.63 -8.97
CA GLU A 242 7.02 -2.19 -8.31
C GLU A 242 7.39 -1.07 -7.33
N SER A 243 6.78 0.10 -7.52
CA SER A 243 6.98 1.22 -6.61
C SER A 243 6.22 0.97 -5.32
N LEU A 244 6.89 1.26 -4.21
CA LEU A 244 6.28 1.16 -2.89
C LEU A 244 6.12 2.54 -2.29
N THR A 245 5.01 2.76 -1.62
CA THR A 245 4.72 4.03 -0.94
C THR A 245 5.06 5.24 -1.83
N PHE A 246 4.42 5.26 -3.00
CA PHE A 246 4.55 6.36 -3.98
C PHE A 246 5.93 6.47 -4.62
N GLY A 247 6.75 5.46 -4.43
CA GLY A 247 8.09 5.43 -5.00
C GLY A 247 9.18 5.90 -4.05
N ILE A 248 8.85 6.04 -2.77
CA ILE A 248 9.87 6.30 -1.75
C ILE A 248 10.90 5.18 -1.81
N CYS A 249 10.42 3.97 -2.07
CA CYS A 249 11.31 2.87 -2.40
C CYS A 249 10.66 1.99 -3.47
N ALA A 250 11.44 1.03 -3.98
CA ALA A 250 10.96 0.19 -5.07
C ALA A 250 11.51 -1.23 -4.98
N ILE A 251 10.79 -2.15 -5.59
CA ILE A 251 11.26 -3.50 -5.78
C ILE A 251 11.60 -3.67 -7.25
N HIS A 252 12.85 -4.06 -7.51
CA HIS A 252 13.33 -4.32 -8.87
C HIS A 252 13.72 -5.76 -9.02
N TRP A 253 13.39 -6.34 -10.17
CA TRP A 253 13.73 -7.73 -10.42
C TRP A 253 14.29 -7.99 -11.80
N GLY A 254 14.88 -9.17 -11.95
CA GLY A 254 15.43 -9.63 -13.24
C GLY A 254 15.66 -11.13 -13.19
N ILE A 255 15.51 -11.79 -14.34
CA ILE A 255 15.70 -13.23 -14.44
C ILE A 255 16.85 -13.55 -15.39
N LYS A 256 17.76 -14.40 -14.95
CA LYS A 256 18.88 -14.84 -15.77
C LYS A 256 18.43 -15.82 -16.85
N VAL A 257 18.63 -15.44 -18.11
CA VAL A 257 18.24 -16.23 -19.29
C VAL A 257 16.77 -16.68 -19.25
N SER B 23 -26.67 -4.66 -19.03
CA SER B 23 -26.03 -5.37 -17.87
C SER B 23 -25.79 -4.43 -16.70
N VAL B 24 -26.44 -4.72 -15.58
CA VAL B 24 -26.31 -3.92 -14.36
C VAL B 24 -24.97 -4.21 -13.67
N ALA B 25 -24.53 -5.47 -13.74
CA ALA B 25 -23.26 -5.88 -13.16
C ALA B 25 -22.05 -5.19 -13.80
N ASN B 26 -22.15 -4.93 -15.10
CA ASN B 26 -21.12 -4.18 -15.82
C ASN B 26 -21.04 -2.73 -15.37
N ARG B 27 -22.20 -2.13 -15.10
CA ARG B 27 -22.29 -0.76 -14.60
C ARG B 27 -21.60 -0.60 -13.25
N TYR B 28 -21.84 -1.56 -12.35
CA TYR B 28 -21.20 -1.56 -11.03
C TYR B 28 -19.69 -1.80 -11.12
N ASP B 29 -19.29 -2.71 -12.02
CA ASP B 29 -17.88 -2.95 -12.31
C ASP B 29 -17.18 -1.67 -12.74
N LEU B 30 -17.89 -0.85 -13.51
CA LEU B 30 -17.38 0.44 -13.96
C LEU B 30 -17.24 1.44 -12.80
N MET B 31 -18.29 1.53 -11.98
CA MET B 31 -18.31 2.47 -10.85
C MET B 31 -17.34 2.06 -9.75
N ASN B 32 -17.11 0.76 -9.60
CA ASN B 32 -16.06 0.24 -8.74
C ASN B 32 -14.68 0.75 -9.17
N ASP B 33 -14.41 0.65 -10.47
CA ASP B 33 -13.14 1.12 -11.04
C ASP B 33 -12.98 2.65 -10.93
N VAL B 34 -14.06 3.39 -11.15
CA VAL B 34 -14.02 4.85 -11.11
C VAL B 34 -13.76 5.38 -9.71
N MET B 35 -14.57 4.95 -8.74
CA MET B 35 -14.48 5.46 -7.37
C MET B 35 -13.20 5.05 -6.66
N SER B 36 -12.64 3.91 -7.05
CA SER B 36 -11.42 3.39 -6.43
C SER B 36 -10.16 3.67 -7.27
N LEU B 37 -10.34 4.30 -8.43
CA LEU B 37 -9.25 4.50 -9.40
C LEU B 37 -8.58 3.17 -9.78
N GLY B 38 -9.39 2.12 -9.91
CA GLY B 38 -8.94 0.79 -10.29
C GLY B 38 -8.26 -0.02 -9.21
N ILE B 39 -8.51 0.35 -7.95
CA ILE B 39 -7.83 -0.25 -6.80
C ILE B 39 -8.73 -1.25 -6.06
N HIS B 40 -10.05 -1.19 -6.33
CA HIS B 40 -11.03 -2.01 -5.61
C HIS B 40 -10.73 -3.48 -5.58
N ARG B 41 -10.11 -3.98 -6.65
CA ARG B 41 -9.73 -5.39 -6.73
C ARG B 41 -8.65 -5.76 -5.72
N LEU B 42 -7.72 -4.84 -5.49
CA LEU B 42 -6.68 -5.03 -4.46
C LEU B 42 -7.30 -5.10 -3.06
N TRP B 43 -8.28 -4.23 -2.80
CA TRP B 43 -9.00 -4.25 -1.52
C TRP B 43 -9.69 -5.56 -1.31
N LYS B 44 -10.34 -6.05 -2.37
CA LYS B 44 -11.13 -7.28 -2.33
C LYS B 44 -10.28 -8.55 -2.17
N ASP B 45 -9.12 -8.58 -2.83
CA ASP B 45 -8.18 -9.70 -2.68
C ASP B 45 -7.59 -9.74 -1.27
N HIS B 46 -7.30 -8.55 -0.71
CA HIS B 46 -6.83 -8.42 0.67
C HIS B 46 -7.89 -8.87 1.64
N PHE B 47 -9.15 -8.51 1.33
CA PHE B 47 -10.33 -8.90 2.09
C PHE B 47 -10.46 -10.43 2.17
N ILE B 48 -10.31 -11.08 1.02
CA ILE B 48 -10.41 -12.54 0.93
C ILE B 48 -9.26 -13.25 1.65
N ASN B 49 -8.03 -12.79 1.40
CA ASN B 49 -6.83 -13.37 2.04
C ASN B 49 -6.81 -13.20 3.57
N LYS B 50 -7.26 -12.05 4.05
CA LYS B 50 -7.30 -11.77 5.49
C LYS B 50 -8.31 -12.67 6.19
N LEU B 51 -9.46 -12.89 5.55
CA LEU B 51 -10.50 -13.75 6.09
C LEU B 51 -10.02 -15.20 6.21
N ASP B 52 -9.31 -15.67 5.18
CA ASP B 52 -8.65 -16.99 5.18
C ASP B 52 -9.63 -18.16 5.42
N ALA B 53 -10.82 -18.04 4.83
CA ALA B 53 -11.92 -18.96 5.09
C ALA B 53 -11.90 -20.19 4.19
N GLY B 54 -12.42 -21.29 4.69
CA GLY B 54 -12.51 -22.54 3.94
C GLY B 54 -12.34 -23.78 4.79
N LYS B 55 -12.93 -24.88 4.33
CA LYS B 55 -12.79 -26.18 4.96
C LYS B 55 -11.34 -26.64 4.81
N ARG B 56 -10.70 -26.95 5.93
CA ARG B 56 -9.31 -27.41 5.94
C ARG B 56 -9.19 -28.84 5.39
N PRO B 57 -8.05 -29.16 4.74
CA PRO B 57 -7.90 -30.38 3.93
C PRO B 57 -8.43 -31.68 4.57
N ASN B 58 -8.05 -31.94 5.82
CA ASN B 58 -8.42 -33.19 6.47
C ASN B 58 -9.67 -33.13 7.36
N SER B 59 -10.38 -32.01 7.28
CA SER B 59 -11.66 -31.86 7.95
C SER B 59 -12.77 -32.43 7.07
N THR B 60 -13.89 -32.79 7.69
CA THR B 60 -14.99 -33.44 6.97
C THR B 60 -16.27 -32.58 6.91
N THR B 61 -16.32 -31.53 7.72
CA THR B 61 -17.49 -30.67 7.80
C THR B 61 -17.37 -29.45 6.87
N PRO B 62 -18.17 -29.42 5.78
CA PRO B 62 -18.17 -28.27 4.87
C PRO B 62 -18.74 -27.00 5.53
N LEU B 63 -18.17 -25.85 5.20
CA LEU B 63 -18.59 -24.58 5.78
C LEU B 63 -19.75 -23.96 5.02
N ASN B 64 -20.61 -23.26 5.73
CA ASN B 64 -21.76 -22.58 5.13
C ASN B 64 -21.52 -21.08 4.98
N PHE B 65 -21.27 -20.66 3.74
CA PHE B 65 -21.00 -19.26 3.43
C PHE B 65 -22.29 -18.54 3.05
N ILE B 66 -22.39 -17.27 3.44
CA ILE B 66 -23.43 -16.39 2.94
C ILE B 66 -22.86 -15.02 2.56
N ASP B 67 -23.04 -14.66 1.29
CA ASP B 67 -22.61 -13.37 0.79
C ASP B 67 -23.82 -12.51 0.48
N VAL B 68 -23.83 -11.29 0.98
CA VAL B 68 -24.97 -10.39 0.82
C VAL B 68 -24.57 -9.13 0.04
N ALA B 69 -25.48 -8.69 -0.84
CA ALA B 69 -25.31 -7.46 -1.64
C ALA B 69 -24.16 -7.53 -2.65
N GLY B 70 -23.95 -8.71 -3.21
CA GLY B 70 -22.95 -8.92 -4.26
C GLY B 70 -23.43 -9.97 -5.24
N GLY B 71 -24.59 -9.71 -5.85
CA GLY B 71 -25.24 -10.65 -6.77
C GLY B 71 -24.43 -11.07 -7.97
N SER B 72 -23.58 -10.16 -8.45
CA SER B 72 -22.67 -10.44 -9.57
C SER B 72 -21.68 -11.56 -9.22
N GLY B 73 -21.39 -11.69 -7.92
CA GLY B 73 -20.59 -12.80 -7.41
C GLY B 73 -19.10 -12.53 -7.29
N ASP B 74 -18.68 -11.30 -7.51
CA ASP B 74 -17.26 -10.96 -7.52
C ASP B 74 -16.50 -11.33 -6.24
N ILE B 75 -17.13 -11.14 -5.09
CA ILE B 75 -16.57 -11.60 -3.81
C ILE B 75 -16.85 -13.09 -3.56
N ALA B 76 -18.09 -13.51 -3.85
CA ALA B 76 -18.53 -14.88 -3.56
C ALA B 76 -17.75 -15.94 -4.35
N PHE B 77 -17.46 -15.65 -5.61
CA PHE B 77 -16.66 -16.57 -6.43
C PHE B 77 -15.21 -16.60 -5.98
N GLY B 78 -14.69 -15.43 -5.59
CA GLY B 78 -13.33 -15.31 -5.09
C GLY B 78 -13.10 -16.10 -3.81
N LEU B 79 -14.08 -16.03 -2.91
CA LEU B 79 -14.04 -16.77 -1.65
C LEU B 79 -13.94 -18.28 -1.87
N LEU B 80 -14.77 -18.79 -2.79
CA LEU B 80 -14.79 -20.21 -3.13
C LEU B 80 -13.54 -20.64 -3.90
N ASP B 81 -13.02 -19.74 -4.74
CA ASP B 81 -11.76 -19.98 -5.45
C ASP B 81 -10.57 -19.99 -4.50
N HIS B 82 -10.61 -19.13 -3.49
CA HIS B 82 -9.57 -19.10 -2.46
C HIS B 82 -9.65 -20.32 -1.58
N ALA B 83 -10.87 -20.76 -1.28
CA ALA B 83 -11.08 -21.97 -0.48
C ALA B 83 -10.53 -23.21 -1.19
N GLU B 84 -10.69 -23.25 -2.51
CA GLU B 84 -10.24 -24.39 -3.31
C GLU B 84 -8.72 -24.41 -3.49
N SER B 85 -8.14 -23.29 -3.89
CA SER B 85 -6.72 -23.25 -4.23
C SER B 85 -5.80 -23.33 -3.02
N LYS B 86 -6.28 -22.89 -1.87
CA LYS B 86 -5.46 -22.91 -0.65
C LYS B 86 -5.66 -24.16 0.20
N PHE B 87 -6.91 -24.63 0.31
CA PHE B 87 -7.24 -25.74 1.20
C PHE B 87 -7.70 -27.01 0.47
N GLY B 88 -8.04 -26.87 -0.81
CA GLY B 88 -8.62 -27.98 -1.58
C GLY B 88 -10.09 -28.18 -1.28
N ASP B 89 -10.75 -27.10 -0.88
CA ASP B 89 -12.16 -27.12 -0.48
C ASP B 89 -13.08 -27.05 -1.69
N THR B 90 -13.87 -28.10 -1.87
CA THR B 90 -14.84 -28.18 -2.97
C THR B 90 -16.23 -28.60 -2.45
N GLU B 91 -16.41 -28.54 -1.13
CA GLU B 91 -17.64 -29.00 -0.48
C GLU B 91 -18.47 -27.89 0.16
N SER B 92 -17.81 -26.77 0.48
CA SER B 92 -18.46 -25.64 1.15
C SER B 92 -19.57 -24.99 0.30
N THR B 93 -20.71 -24.76 0.94
CA THR B 93 -21.85 -24.14 0.27
C THR B 93 -21.76 -22.61 0.36
N MET B 94 -22.33 -21.94 -0.64
CA MET B 94 -22.34 -20.48 -0.71
C MET B 94 -23.71 -19.97 -1.14
N ASP B 95 -24.30 -19.10 -0.34
CA ASP B 95 -25.54 -18.42 -0.70
C ASP B 95 -25.24 -16.98 -1.12
N ILE B 96 -25.43 -16.70 -2.40
CA ILE B 96 -25.27 -15.35 -2.92
C ILE B 96 -26.62 -14.63 -2.88
N VAL B 97 -26.72 -13.62 -2.03
CA VAL B 97 -27.97 -12.91 -1.78
C VAL B 97 -27.89 -11.47 -2.25
N ASP B 98 -28.89 -11.06 -3.05
CA ASP B 98 -29.03 -9.68 -3.48
C ASP B 98 -30.51 -9.32 -3.62
N ILE B 99 -30.84 -8.06 -3.33
CA ILE B 99 -32.21 -7.58 -3.39
C ILE B 99 -32.68 -7.39 -4.85
N ASN B 100 -31.73 -7.19 -5.74
CA ASN B 100 -32.01 -7.01 -7.17
C ASN B 100 -31.88 -8.33 -7.92
N PRO B 101 -32.99 -8.81 -8.51
CA PRO B 101 -32.98 -10.06 -9.28
C PRO B 101 -32.08 -9.99 -10.52
N ASP B 102 -31.94 -8.80 -11.09
CA ASP B 102 -31.10 -8.59 -12.26
C ASP B 102 -29.61 -8.77 -11.97
N MET B 103 -29.21 -8.50 -10.73
CA MET B 103 -27.83 -8.70 -10.30
C MET B 103 -27.47 -10.19 -10.19
N LEU B 104 -28.40 -10.97 -9.64
CA LEU B 104 -28.23 -12.42 -9.55
C LEU B 104 -28.33 -13.09 -10.92
N LYS B 105 -29.12 -12.50 -11.80
CA LYS B 105 -29.24 -12.97 -13.18
C LYS B 105 -27.89 -12.88 -13.91
N GLU B 106 -27.19 -11.77 -13.71
CA GLU B 106 -25.86 -11.58 -14.30
C GLU B 106 -24.81 -12.46 -13.63
N GLY B 107 -24.97 -12.69 -12.34
CA GLY B 107 -24.10 -13.60 -11.58
C GLY B 107 -24.19 -15.03 -12.08
N GLU B 108 -25.40 -15.44 -12.45
CA GLU B 108 -25.64 -16.75 -13.05
C GLU B 108 -25.05 -16.82 -14.46
N LYS B 109 -25.14 -15.72 -15.20
CA LYS B 109 -24.58 -15.62 -16.54
C LYS B 109 -23.05 -15.69 -16.51
N ARG B 110 -22.45 -14.99 -15.54
CA ARG B 110 -21.00 -14.97 -15.37
C ARG B 110 -20.44 -16.34 -14.98
N ALA B 111 -21.17 -17.06 -14.14
CA ALA B 111 -20.78 -18.40 -13.70
C ALA B 111 -20.90 -19.43 -14.82
N MET B 112 -21.87 -19.21 -15.71
CA MET B 112 -22.09 -20.09 -16.86
C MET B 112 -20.98 -19.94 -17.90
N GLU B 113 -20.59 -18.69 -18.18
CA GLU B 113 -19.50 -18.38 -19.11
C GLU B 113 -18.14 -18.71 -18.50
N GLN B 114 -18.09 -18.75 -17.16
CA GLN B 114 -16.88 -19.07 -16.42
C GLN B 114 -16.62 -20.58 -16.43
N GLY B 115 -17.70 -21.35 -16.56
CA GLY B 115 -17.62 -22.81 -16.50
C GLY B 115 -17.41 -23.31 -15.08
N LYS B 116 -17.90 -22.54 -14.12
CA LYS B 116 -17.72 -22.83 -12.70
C LYS B 116 -18.81 -22.18 -11.86
N TYR B 117 -19.34 -22.94 -10.89
CA TYR B 117 -20.39 -22.49 -9.97
C TYR B 117 -21.77 -22.26 -10.62
N PHE B 118 -21.92 -22.73 -11.85
CA PHE B 118 -23.21 -22.68 -12.54
C PHE B 118 -23.98 -23.97 -12.33
N LYS B 119 -25.26 -23.84 -11.95
CA LYS B 119 -26.14 -24.98 -11.63
C LYS B 119 -25.54 -25.88 -10.54
N ASP B 120 -24.58 -25.35 -9.79
CA ASP B 120 -23.90 -26.07 -8.73
C ASP B 120 -24.79 -26.10 -7.48
N PRO B 121 -25.01 -27.31 -6.93
CA PRO B 121 -25.82 -27.48 -5.71
C PRO B 121 -25.26 -26.73 -4.49
N ARG B 122 -23.96 -26.42 -4.53
CA ARG B 122 -23.32 -25.66 -3.46
C ARG B 122 -23.69 -24.18 -3.50
N VAL B 123 -23.78 -23.64 -4.71
CA VAL B 123 -24.00 -22.21 -4.91
C VAL B 123 -25.47 -21.90 -5.23
N ARG B 124 -26.12 -21.20 -4.31
CA ARG B 124 -27.50 -20.75 -4.49
C ARG B 124 -27.55 -19.25 -4.75
N PHE B 125 -28.40 -18.84 -5.69
CA PHE B 125 -28.66 -17.44 -5.97
C PHE B 125 -30.06 -17.10 -5.46
N LEU B 126 -30.13 -16.27 -4.42
CA LEU B 126 -31.39 -16.02 -3.73
C LEU B 126 -31.76 -14.54 -3.69
N VAL B 127 -32.93 -14.21 -4.23
CA VAL B 127 -33.47 -12.85 -4.15
C VAL B 127 -33.99 -12.63 -2.73
N SER B 128 -33.34 -11.73 -2.01
CA SER B 128 -33.69 -11.44 -0.62
C SER B 128 -33.19 -10.09 -0.16
N ASN B 129 -33.88 -9.52 0.82
CA ASN B 129 -33.47 -8.28 1.46
C ASN B 129 -32.48 -8.60 2.59
N GLY B 130 -31.32 -7.94 2.56
CA GLY B 130 -30.29 -8.13 3.57
C GLY B 130 -30.74 -7.77 4.98
N GLU B 131 -31.68 -6.82 5.06
CA GLU B 131 -32.23 -6.39 6.35
C GLU B 131 -33.13 -7.43 6.99
N LYS B 132 -33.68 -8.33 6.17
CA LYS B 132 -34.61 -9.36 6.64
C LYS B 132 -34.02 -10.77 6.61
N LEU B 133 -33.65 -11.23 5.42
CA LEU B 133 -33.18 -12.59 5.16
C LEU B 133 -34.08 -13.66 5.81
N GLU B 134 -35.39 -13.53 5.56
CA GLU B 134 -36.40 -14.40 6.17
C GLU B 134 -36.38 -15.84 5.63
N GLU B 135 -35.79 -16.03 4.47
CA GLU B 135 -35.67 -17.36 3.84
C GLU B 135 -34.39 -18.10 4.25
N ILE B 136 -33.60 -17.47 5.13
CA ILE B 136 -32.40 -18.09 5.68
C ILE B 136 -32.64 -18.45 7.14
N ASP B 137 -32.30 -19.68 7.52
CA ASP B 137 -32.50 -20.18 8.87
C ASP B 137 -31.56 -19.51 9.88
N SER B 138 -32.06 -19.35 11.11
CA SER B 138 -31.25 -18.81 12.20
C SER B 138 -30.18 -19.81 12.62
N ASP B 139 -29.00 -19.29 12.94
CA ASP B 139 -27.82 -20.10 13.28
C ASP B 139 -27.55 -21.18 12.21
N SER B 140 -27.43 -20.74 10.96
CA SER B 140 -27.26 -21.66 9.83
C SER B 140 -25.95 -21.45 9.08
N LYS B 141 -25.27 -20.33 9.32
CA LYS B 141 -24.09 -19.96 8.53
C LYS B 141 -22.83 -19.83 9.36
N ASP B 142 -21.71 -20.24 8.77
CA ASP B 142 -20.40 -20.13 9.42
C ASP B 142 -19.76 -18.78 9.17
N ILE B 143 -19.95 -18.24 7.97
CA ILE B 143 -19.30 -17.00 7.54
C ILE B 143 -20.26 -16.09 6.80
N TYR B 144 -20.34 -14.84 7.25
CA TYR B 144 -21.14 -13.81 6.60
C TYR B 144 -20.21 -12.76 6.01
N THR B 145 -20.30 -12.55 4.70
CA THR B 145 -19.53 -11.50 4.04
C THR B 145 -20.43 -10.48 3.34
N VAL B 146 -20.02 -9.22 3.41
CA VAL B 146 -20.65 -8.15 2.65
C VAL B 146 -19.59 -7.18 2.14
N SER B 147 -19.54 -7.00 0.82
CA SER B 147 -18.52 -6.16 0.18
C SER B 147 -19.14 -5.02 -0.61
N PHE B 148 -18.96 -3.80 -0.09
CA PHE B 148 -19.48 -2.57 -0.70
C PHE B 148 -20.99 -2.65 -1.03
N GLY B 149 -21.79 -2.98 -0.02
CA GLY B 149 -23.24 -3.06 -0.19
C GLY B 149 -24.02 -2.57 1.01
N ILE B 150 -23.43 -2.71 2.19
CA ILE B 150 -24.09 -2.37 3.46
C ILE B 150 -24.43 -0.87 3.57
N ARG B 151 -23.72 -0.03 2.82
CA ARG B 151 -23.99 1.42 2.80
C ARG B 151 -25.29 1.77 2.08
N ASN B 152 -25.75 0.85 1.24
CA ASN B 152 -26.99 1.05 0.47
C ASN B 152 -28.25 0.64 1.23
N PHE B 153 -28.06 0.01 2.38
CA PHE B 153 -29.16 -0.40 3.27
C PHE B 153 -29.86 0.82 3.85
N THR B 154 -31.19 0.82 3.82
CA THR B 154 -31.98 1.91 4.40
C THR B 154 -31.84 1.92 5.93
N ASP B 155 -31.64 0.73 6.50
CA ASP B 155 -31.32 0.58 7.92
C ASP B 155 -30.12 -0.35 8.08
N ILE B 156 -28.97 0.25 8.36
CA ILE B 156 -27.70 -0.50 8.47
C ILE B 156 -27.70 -1.40 9.71
N GLN B 157 -28.24 -0.90 10.82
CA GLN B 157 -28.30 -1.64 12.08
C GLN B 157 -29.15 -2.91 11.93
N LYS B 158 -30.26 -2.79 11.21
CA LYS B 158 -31.15 -3.92 10.93
C LYS B 158 -30.44 -5.00 10.12
N GLY B 159 -29.53 -4.56 9.24
CA GLY B 159 -28.71 -5.46 8.45
C GLY B 159 -27.71 -6.23 9.31
N LEU B 160 -27.16 -5.56 10.33
CA LEU B 160 -26.21 -6.18 11.24
C LEU B 160 -26.89 -7.15 12.19
N ASN B 161 -28.04 -6.75 12.74
CA ASN B 161 -28.84 -7.61 13.62
C ASN B 161 -29.25 -8.91 12.93
N THR B 162 -29.61 -8.81 11.65
CA THR B 162 -29.96 -9.97 10.83
C THR B 162 -28.73 -10.84 10.54
N ALA B 163 -27.57 -10.21 10.38
CA ALA B 163 -26.31 -10.92 10.18
C ALA B 163 -25.97 -11.77 11.40
N TYR B 164 -26.23 -11.21 12.58
CA TYR B 164 -26.05 -11.92 13.85
C TYR B 164 -27.01 -13.11 13.98
N ARG B 165 -28.20 -12.94 13.42
CA ARG B 165 -29.25 -13.96 13.49
C ARG B 165 -28.94 -15.20 12.63
N VAL B 166 -28.43 -14.97 11.43
CA VAL B 166 -28.20 -16.05 10.46
C VAL B 166 -26.92 -16.86 10.71
N LEU B 167 -26.05 -16.34 11.56
CA LEU B 167 -24.76 -16.97 11.84
C LEU B 167 -24.81 -17.98 13.00
N LYS B 168 -24.03 -19.05 12.86
CA LYS B 168 -23.85 -20.05 13.91
C LYS B 168 -22.95 -19.49 15.00
N PRO B 169 -23.07 -20.01 16.24
CA PRO B 169 -22.12 -19.63 17.30
C PRO B 169 -20.68 -19.91 16.87
N GLY B 170 -19.84 -18.89 16.96
CA GLY B 170 -18.47 -18.96 16.45
C GLY B 170 -18.38 -18.56 14.99
N GLY B 171 -19.46 -17.98 14.48
CA GLY B 171 -19.52 -17.51 13.10
C GLY B 171 -18.91 -16.13 12.92
N ILE B 172 -18.35 -15.89 11.73
CA ILE B 172 -17.63 -14.64 11.45
C ILE B 172 -18.43 -13.70 10.56
N PHE B 173 -18.54 -12.45 11.00
CA PHE B 173 -19.05 -11.36 10.18
C PHE B 173 -17.87 -10.59 9.61
N TYR B 174 -17.83 -10.42 8.29
CA TYR B 174 -16.71 -9.75 7.63
C TYR B 174 -17.26 -8.74 6.63
N CYS B 175 -16.91 -7.47 6.83
CA CYS B 175 -17.46 -6.39 6.02
C CYS B 175 -16.38 -5.52 5.39
N LEU B 176 -16.45 -5.39 4.06
CA LEU B 176 -15.61 -4.43 3.34
C LEU B 176 -16.51 -3.31 2.83
N GLU B 177 -16.20 -2.09 3.26
CA GLU B 177 -17.04 -0.94 2.92
C GLU B 177 -16.21 0.35 2.96
N PHE B 178 -16.67 1.36 2.22
CA PHE B 178 -16.11 2.71 2.30
C PHE B 178 -16.20 3.24 3.72
N SER B 179 -15.22 4.05 4.11
CA SER B 179 -15.17 4.57 5.47
C SER B 179 -14.78 6.05 5.49
N LYS B 180 -14.41 6.55 6.66
CA LYS B 180 -13.97 7.94 6.81
C LYS B 180 -12.46 8.05 6.66
N ILE B 181 -12.04 8.94 5.77
CA ILE B 181 -10.62 9.16 5.48
C ILE B 181 -9.89 9.77 6.69
N GLU B 182 -8.72 9.21 7.00
CA GLU B 182 -7.95 9.58 8.18
C GLU B 182 -6.77 10.53 7.84
N ASN B 183 -6.44 10.59 6.55
CA ASN B 183 -5.39 11.47 6.05
C ASN B 183 -6.01 12.77 5.53
N PRO B 184 -5.69 13.92 6.17
CA PRO B 184 -6.29 15.21 5.84
C PRO B 184 -6.03 15.69 4.40
N LEU B 185 -4.87 15.33 3.84
CA LEU B 185 -4.54 15.67 2.46
C LEU B 185 -5.41 14.84 1.51
N MET B 186 -5.51 13.54 1.79
CA MET B 186 -6.37 12.64 1.03
C MET B 186 -7.82 13.10 1.10
N ASP B 187 -8.26 13.51 2.29
CA ASP B 187 -9.62 13.98 2.50
C ASP B 187 -9.92 15.25 1.68
N PHE B 188 -8.97 16.19 1.68
CA PHE B 188 -9.08 17.40 0.86
C PHE B 188 -9.22 17.06 -0.62
N ALA B 189 -8.42 16.09 -1.08
CA ALA B 189 -8.47 15.62 -2.47
C ALA B 189 -9.82 14.95 -2.77
N TYR B 190 -10.27 14.09 -1.87
CA TYR B 190 -11.54 13.39 -2.04
C TYR B 190 -12.75 14.33 -2.10
N GLN B 191 -12.70 15.42 -1.33
CA GLN B 191 -13.82 16.37 -1.28
C GLN B 191 -14.03 17.07 -2.62
N GLN B 192 -12.92 17.41 -3.29
CA GLN B 192 -12.98 17.98 -4.64
C GLN B 192 -13.49 16.93 -5.62
N TRP B 193 -12.96 15.72 -5.47
CA TRP B 193 -13.37 14.54 -6.24
C TRP B 193 -14.85 14.27 -6.10
N ALA B 194 -15.35 14.33 -4.86
CA ALA B 194 -16.76 14.10 -4.58
C ALA B 194 -17.67 15.16 -5.19
N LYS B 195 -17.13 16.35 -5.45
CA LYS B 195 -17.89 17.44 -6.05
C LYS B 195 -18.03 17.33 -7.57
N VAL B 196 -16.92 17.07 -8.25
CA VAL B 196 -16.90 17.08 -9.71
C VAL B 196 -17.33 15.75 -10.34
N LEU B 197 -17.23 14.66 -9.60
CA LEU B 197 -17.55 13.33 -10.12
C LEU B 197 -18.98 13.18 -10.64
N PRO B 198 -19.99 13.58 -9.84
CA PRO B 198 -21.37 13.46 -10.33
C PRO B 198 -21.69 14.46 -11.44
N VAL B 199 -20.94 15.56 -11.47
CA VAL B 199 -21.07 16.56 -12.53
C VAL B 199 -20.60 15.97 -13.86
N MET B 200 -19.49 15.24 -13.82
CA MET B 200 -18.99 14.54 -15.00
C MET B 200 -19.91 13.39 -15.38
N GLY B 201 -20.50 12.76 -14.36
CA GLY B 201 -21.52 11.73 -14.57
C GLY B 201 -22.70 12.27 -15.35
N SER B 202 -23.08 13.50 -15.04
CA SER B 202 -24.16 14.19 -15.74
C SER B 202 -23.81 14.51 -17.20
N MET B 203 -22.63 15.09 -17.43
CA MET B 203 -22.29 15.58 -18.78
C MET B 203 -21.68 14.53 -19.72
N ILE B 204 -20.88 13.61 -19.18
CA ILE B 204 -20.30 12.54 -20.01
C ILE B 204 -21.27 11.37 -20.14
N ALA B 205 -21.79 10.91 -19.01
CA ALA B 205 -22.52 9.64 -18.95
C ALA B 205 -24.03 9.78 -18.90
N ASN B 206 -24.52 11.02 -18.75
CA ASN B 206 -25.95 11.30 -18.58
C ASN B 206 -26.54 10.54 -17.39
N ASP B 207 -25.75 10.44 -16.32
CA ASP B 207 -26.12 9.66 -15.15
C ASP B 207 -25.66 10.35 -13.88
N TYR B 208 -26.22 11.54 -13.63
CA TYR B 208 -25.97 12.28 -12.40
C TYR B 208 -26.40 11.47 -11.17
N ASP B 209 -27.58 10.87 -11.25
CA ASP B 209 -28.20 10.19 -10.11
C ASP B 209 -27.35 9.05 -9.52
N SER B 210 -26.84 8.17 -10.37
CA SER B 210 -26.00 7.05 -9.91
C SER B 210 -24.77 7.52 -9.14
N TYR B 211 -24.07 8.51 -9.69
CA TYR B 211 -22.84 8.99 -9.07
C TYR B 211 -23.08 9.84 -7.82
N GLN B 212 -24.13 10.65 -7.84
CA GLN B 212 -24.51 11.44 -6.68
C GLN B 212 -24.98 10.55 -5.52
N TYR B 213 -25.73 9.49 -5.85
CA TYR B 213 -26.14 8.50 -4.86
C TYR B 213 -24.95 7.79 -4.23
N LEU B 214 -23.94 7.46 -5.05
CA LEU B 214 -22.71 6.85 -4.57
C LEU B 214 -21.98 7.76 -3.57
N VAL B 215 -21.83 9.04 -3.96
CA VAL B 215 -21.17 10.04 -3.12
C VAL B 215 -21.90 10.27 -1.79
N GLU B 216 -23.23 10.36 -1.86
CA GLU B 216 -24.06 10.58 -0.66
C GLU B 216 -24.04 9.38 0.28
N SER B 217 -24.14 8.17 -0.29
CA SER B 217 -24.12 6.93 0.51
C SER B 217 -22.80 6.76 1.27
N ILE B 218 -21.70 7.17 0.66
CA ILE B 218 -20.39 7.14 1.30
C ILE B 218 -20.31 8.20 2.41
N GLU B 219 -20.84 9.39 2.14
CA GLU B 219 -20.87 10.48 3.11
C GLU B 219 -21.73 10.15 4.34
N ARG B 220 -22.86 9.47 4.11
CA ARG B 220 -23.79 9.11 5.19
C ARG B 220 -23.26 8.01 6.10
N PHE B 221 -22.45 7.12 5.54
CA PHE B 221 -21.97 5.92 6.25
C PHE B 221 -21.14 6.26 7.50
N PRO B 222 -21.38 5.54 8.62
CA PRO B 222 -20.66 5.78 9.88
C PRO B 222 -19.16 5.53 9.79
N ASP B 223 -18.38 6.31 10.54
CA ASP B 223 -16.92 6.15 10.57
C ASP B 223 -16.52 4.83 11.25
N GLN B 224 -15.22 4.54 11.23
CA GLN B 224 -14.68 3.28 11.72
C GLN B 224 -15.18 2.87 13.11
N GLU B 225 -15.10 3.80 14.06
CA GLU B 225 -15.51 3.53 15.45
C GLU B 225 -17.02 3.39 15.62
N THR B 226 -17.78 4.26 14.96
CA THR B 226 -19.24 4.22 15.04
C THR B 226 -19.79 2.92 14.46
N PHE B 227 -19.30 2.55 13.28
CA PHE B 227 -19.71 1.31 12.63
C PHE B 227 -19.32 0.08 13.46
N LYS B 228 -18.17 0.16 14.14
CA LYS B 228 -17.73 -0.89 15.05
C LYS B 228 -18.69 -1.03 16.24
N SER B 229 -19.11 0.10 16.80
CA SER B 229 -20.05 0.11 17.92
C SER B 229 -21.40 -0.50 17.52
N MET B 230 -21.79 -0.28 16.27
CA MET B 230 -23.01 -0.84 15.72
C MET B 230 -22.94 -2.37 15.59
N ILE B 231 -21.75 -2.87 15.26
CA ILE B 231 -21.50 -4.31 15.19
C ILE B 231 -21.57 -4.93 16.59
N GLU B 232 -21.00 -4.24 17.57
CA GLU B 232 -21.07 -4.64 18.97
C GLU B 232 -22.50 -4.59 19.51
N LYS B 233 -23.25 -3.57 19.09
CA LYS B 233 -24.66 -3.41 19.47
C LYS B 233 -25.53 -4.57 18.97
N ALA B 234 -25.19 -5.09 17.79
CA ALA B 234 -25.87 -6.25 17.22
C ALA B 234 -25.60 -7.53 18.03
N GLY B 235 -24.58 -7.49 18.87
CA GLY B 235 -24.25 -8.61 19.75
C GLY B 235 -22.90 -9.25 19.48
N PHE B 236 -22.27 -8.87 18.36
CA PHE B 236 -20.95 -9.40 17.99
C PHE B 236 -19.89 -8.99 18.99
N LYS B 237 -18.97 -9.89 19.26
CA LYS B 237 -17.89 -9.64 20.22
C LYS B 237 -16.52 -9.78 19.56
N SER B 238 -15.49 -9.29 20.26
CA SER B 238 -14.14 -9.11 19.71
C SER B 238 -14.18 -8.44 18.33
N ALA B 239 -14.94 -7.33 18.26
CA ALA B 239 -15.05 -6.53 17.05
C ALA B 239 -13.75 -5.77 16.81
N GLY B 240 -13.47 -5.50 15.54
CA GLY B 240 -12.29 -4.76 15.13
C GLY B 240 -12.40 -4.28 13.71
N TYR B 241 -11.44 -3.46 13.28
CA TYR B 241 -11.39 -2.99 11.91
C TYR B 241 -9.96 -2.72 11.44
N GLU B 242 -9.80 -2.65 10.12
CA GLU B 242 -8.53 -2.25 9.51
C GLU B 242 -8.81 -1.27 8.38
N SER B 243 -8.28 -0.05 8.51
CA SER B 243 -8.42 0.97 7.48
C SER B 243 -7.50 0.72 6.30
N LEU B 244 -8.06 0.84 5.09
CA LEU B 244 -7.32 0.65 3.86
C LEU B 244 -7.22 1.98 3.11
N THR B 245 -6.08 2.21 2.47
CA THR B 245 -5.83 3.40 1.64
C THR B 245 -6.28 4.70 2.33
N PHE B 246 -5.58 5.05 3.40
CA PHE B 246 -5.84 6.28 4.17
C PHE B 246 -7.24 6.34 4.81
N GLY B 247 -7.91 5.20 4.90
CA GLY B 247 -9.26 5.13 5.47
C GLY B 247 -10.38 5.34 4.47
N ILE B 248 -10.06 5.29 3.17
CA ILE B 248 -11.05 5.39 2.11
C ILE B 248 -12.06 4.26 2.24
N CYS B 249 -11.56 3.05 2.49
CA CYS B 249 -12.43 1.93 2.85
C CYS B 249 -11.84 1.21 4.05
N ALA B 250 -12.63 0.31 4.63
CA ALA B 250 -12.24 -0.40 5.84
C ALA B 250 -12.82 -1.79 5.88
N ILE B 251 -12.10 -2.69 6.54
CA ILE B 251 -12.60 -4.03 6.82
C ILE B 251 -13.05 -4.08 8.28
N HIS B 252 -14.31 -4.42 8.49
CA HIS B 252 -14.85 -4.62 9.83
C HIS B 252 -15.17 -6.07 10.05
N TRP B 253 -15.04 -6.52 11.30
CA TRP B 253 -15.38 -7.90 11.65
C TRP B 253 -15.98 -8.04 13.02
N GLY B 254 -16.83 -9.06 13.16
CA GLY B 254 -17.42 -9.43 14.44
C GLY B 254 -17.56 -10.93 14.55
N ILE B 255 -17.55 -11.44 15.79
CA ILE B 255 -17.69 -12.86 16.05
C ILE B 255 -18.88 -13.11 16.98
N LYS B 256 -19.80 -13.98 16.55
CA LYS B 256 -20.95 -14.37 17.36
C LYS B 256 -20.54 -15.37 18.44
N VAL B 257 -21.01 -15.10 19.67
CA VAL B 257 -20.73 -15.95 20.83
C VAL B 257 -19.26 -15.89 21.23
N SER C 23 -1.51 -6.62 -18.07
CA SER C 23 -1.28 -5.60 -17.00
C SER C 23 -0.94 -4.22 -17.57
N VAL C 24 -0.26 -4.21 -18.71
CA VAL C 24 0.11 -2.96 -19.39
C VAL C 24 -1.10 -2.40 -20.13
N ALA C 25 -1.83 -3.28 -20.83
CA ALA C 25 -3.04 -2.89 -21.55
C ALA C 25 -4.21 -2.66 -20.59
N ASN C 26 -4.21 -3.35 -19.46
CA ASN C 26 -5.21 -3.17 -18.42
C ASN C 26 -5.19 -1.77 -17.80
N ARG C 27 -3.99 -1.18 -17.72
CA ARG C 27 -3.83 0.18 -17.20
C ARG C 27 -4.32 1.24 -18.19
N TYR C 28 -4.13 0.98 -19.48
CA TYR C 28 -4.67 1.84 -20.54
C TYR C 28 -6.19 1.74 -20.60
N ASP C 29 -6.71 0.53 -20.42
CA ASP C 29 -8.15 0.29 -20.37
C ASP C 29 -8.80 0.98 -19.17
N LEU C 30 -8.13 0.90 -18.02
CA LEU C 30 -8.60 1.53 -16.79
C LEU C 30 -8.61 3.04 -16.89
N MET C 31 -7.52 3.60 -17.42
CA MET C 31 -7.36 5.03 -17.58
C MET C 31 -8.47 5.63 -18.46
N ASN C 32 -8.79 4.94 -19.55
CA ASN C 32 -9.88 5.33 -20.43
C ASN C 32 -11.26 5.16 -19.78
N ASP C 33 -11.41 4.09 -19.00
CA ASP C 33 -12.62 3.87 -18.21
C ASP C 33 -12.87 5.01 -17.23
N VAL C 34 -11.83 5.39 -16.49
CA VAL C 34 -11.94 6.40 -15.44
C VAL C 34 -12.17 7.81 -16.02
N MET C 35 -11.29 8.23 -16.93
CA MET C 35 -11.40 9.54 -17.57
C MET C 35 -12.77 9.78 -18.21
N SER C 36 -13.28 8.79 -18.93
CA SER C 36 -14.54 8.92 -19.66
C SER C 36 -15.73 8.29 -18.94
N LEU C 37 -15.52 7.82 -17.71
CA LEU C 37 -16.54 7.09 -16.95
C LEU C 37 -17.17 5.97 -17.79
N GLY C 38 -16.31 5.22 -18.47
CA GLY C 38 -16.71 4.09 -19.29
C GLY C 38 -17.42 4.39 -20.60
N ILE C 39 -17.62 5.67 -20.90
CA ILE C 39 -18.34 6.08 -22.11
C ILE C 39 -17.50 5.92 -23.38
N HIS C 40 -16.19 5.76 -23.22
CA HIS C 40 -15.28 5.52 -24.35
C HIS C 40 -15.64 4.25 -25.09
N ARG C 41 -16.26 3.32 -24.38
CA ARG C 41 -16.76 2.07 -24.97
C ARG C 41 -17.90 2.34 -25.96
N LEU C 42 -18.68 3.37 -25.68
CA LEU C 42 -19.79 3.75 -26.55
C LEU C 42 -19.30 4.59 -27.74
N TRP C 43 -18.27 5.39 -27.52
CA TRP C 43 -17.64 6.14 -28.60
C TRP C 43 -17.02 5.20 -29.60
N LYS C 44 -16.38 4.15 -29.09
CA LYS C 44 -15.76 3.12 -29.92
C LYS C 44 -16.78 2.33 -30.73
N ASP C 45 -17.89 1.96 -30.09
CA ASP C 45 -18.98 1.25 -30.78
C ASP C 45 -19.56 2.10 -31.90
N HIS C 46 -19.75 3.39 -31.62
CA HIS C 46 -20.23 4.35 -32.60
C HIS C 46 -19.25 4.53 -33.73
N PHE C 47 -17.97 4.61 -33.37
CA PHE C 47 -16.87 4.72 -34.33
C PHE C 47 -16.89 3.60 -35.38
N ILE C 48 -17.13 2.38 -34.91
CA ILE C 48 -17.16 1.20 -35.77
C ILE C 48 -18.43 1.16 -36.62
N ASN C 49 -19.58 1.42 -36.00
CA ASN C 49 -20.86 1.40 -36.71
C ASN C 49 -21.02 2.53 -37.72
N LYS C 50 -20.42 3.68 -37.43
CA LYS C 50 -20.44 4.84 -38.32
C LYS C 50 -19.62 4.58 -39.57
N LEU C 51 -18.44 3.97 -39.40
CA LEU C 51 -17.58 3.59 -40.52
C LEU C 51 -18.27 2.54 -41.40
N ASP C 52 -18.86 1.54 -40.75
CA ASP C 52 -19.66 0.51 -41.41
C ASP C 52 -18.88 -0.25 -42.51
N ALA C 53 -17.60 -0.50 -42.25
CA ALA C 53 -16.71 -1.14 -43.22
C ALA C 53 -16.88 -2.65 -43.26
N GLY C 54 -16.45 -3.25 -44.37
CA GLY C 54 -16.54 -4.70 -44.59
C GLY C 54 -16.94 -5.04 -46.00
N LYS C 55 -16.52 -6.21 -46.47
CA LYS C 55 -16.87 -6.71 -47.79
C LYS C 55 -18.34 -7.12 -47.82
N ARG C 56 -19.11 -6.45 -48.69
CA ARG C 56 -20.54 -6.73 -48.86
C ARG C 56 -20.80 -8.09 -49.49
N PRO C 57 -21.96 -8.71 -49.19
CA PRO C 57 -22.34 -10.00 -49.77
C PRO C 57 -22.39 -9.99 -51.30
N ASN C 58 -22.73 -8.83 -51.88
CA ASN C 58 -22.77 -8.66 -53.33
C ASN C 58 -21.38 -8.55 -53.96
N SER C 59 -20.40 -8.16 -53.15
CA SER C 59 -19.03 -7.97 -53.60
C SER C 59 -18.17 -9.22 -53.36
N THR C 60 -17.02 -9.28 -54.02
CA THR C 60 -16.09 -10.40 -53.87
C THR C 60 -14.71 -9.92 -53.43
N THR C 61 -14.49 -8.60 -53.51
CA THR C 61 -13.22 -8.00 -53.12
C THR C 61 -13.13 -7.83 -51.60
N PRO C 62 -12.15 -8.49 -50.96
CA PRO C 62 -11.92 -8.28 -49.53
C PRO C 62 -11.21 -6.97 -49.27
N LEU C 63 -11.41 -6.40 -48.08
CA LEU C 63 -10.80 -5.12 -47.73
C LEU C 63 -9.52 -5.30 -46.91
N ASN C 64 -8.60 -4.37 -47.10
CA ASN C 64 -7.33 -4.39 -46.37
C ASN C 64 -7.29 -3.30 -45.29
N PHE C 65 -7.56 -3.70 -44.05
CA PHE C 65 -7.60 -2.79 -42.92
C PHE C 65 -6.21 -2.58 -42.32
N ILE C 66 -5.99 -1.40 -41.74
CA ILE C 66 -4.82 -1.15 -40.91
C ILE C 66 -5.18 -0.29 -39.68
N ASP C 67 -5.04 -0.89 -38.50
CA ASP C 67 -5.28 -0.20 -37.25
C ASP C 67 -3.95 0.11 -36.57
N VAL C 68 -3.70 1.39 -36.34
CA VAL C 68 -2.45 1.84 -35.75
C VAL C 68 -2.68 2.33 -34.32
N ALA C 69 -1.72 2.04 -33.44
CA ALA C 69 -1.72 2.49 -32.05
C ALA C 69 -2.86 1.89 -31.22
N GLY C 70 -3.17 0.63 -31.50
CA GLY C 70 -4.18 -0.11 -30.73
C GLY C 70 -3.76 -1.56 -30.57
N GLY C 71 -2.60 -1.76 -29.95
CA GLY C 71 -2.00 -3.09 -29.76
C GLY C 71 -2.91 -4.11 -29.11
N SER C 72 -3.71 -3.68 -28.14
CA SER C 72 -4.66 -4.55 -27.44
C SER C 72 -5.72 -5.14 -28.39
N GLY C 73 -5.99 -4.42 -29.48
CA GLY C 73 -6.84 -4.92 -30.55
C GLY C 73 -8.33 -4.67 -30.41
N ASP C 74 -8.72 -3.89 -29.41
CA ASP C 74 -10.13 -3.61 -29.13
C ASP C 74 -10.89 -3.12 -30.38
N ILE C 75 -10.33 -2.10 -31.05
CA ILE C 75 -10.91 -1.57 -32.28
C ILE C 75 -10.72 -2.56 -33.44
N ALA C 76 -9.51 -3.10 -33.55
CA ALA C 76 -9.16 -4.04 -34.62
C ALA C 76 -10.10 -5.24 -34.69
N PHE C 77 -10.32 -5.89 -33.55
CA PHE C 77 -11.23 -7.04 -33.49
C PHE C 77 -12.68 -6.64 -33.70
N GLY C 78 -13.05 -5.47 -33.17
CA GLY C 78 -14.40 -4.92 -33.34
C GLY C 78 -14.77 -4.71 -34.79
N LEU C 79 -13.85 -4.14 -35.56
CA LEU C 79 -14.03 -3.92 -37.00
C LEU C 79 -14.25 -5.24 -37.74
N LEU C 80 -13.42 -6.24 -37.40
CA LEU C 80 -13.53 -7.58 -37.97
C LEU C 80 -14.86 -8.25 -37.61
N ASP C 81 -15.26 -8.13 -36.35
CA ASP C 81 -16.53 -8.68 -35.85
C ASP C 81 -17.73 -8.03 -36.55
N HIS C 82 -17.65 -6.72 -36.77
CA HIS C 82 -18.71 -5.96 -37.43
C HIS C 82 -18.86 -6.37 -38.86
N ALA C 83 -17.74 -6.65 -39.53
CA ALA C 83 -17.76 -7.12 -40.91
C ALA C 83 -18.45 -8.48 -41.05
N GLU C 84 -18.15 -9.40 -40.14
CA GLU C 84 -18.74 -10.73 -40.16
C GLU C 84 -20.23 -10.74 -39.84
N SER C 85 -20.60 -10.13 -38.71
CA SER C 85 -21.99 -10.20 -38.23
C SER C 85 -23.00 -9.46 -39.12
N LYS C 86 -22.54 -8.41 -39.79
CA LYS C 86 -23.44 -7.64 -40.67
C LYS C 86 -23.43 -8.14 -42.11
N PHE C 87 -22.24 -8.43 -42.64
CA PHE C 87 -22.08 -8.76 -44.06
C PHE C 87 -21.72 -10.22 -44.35
N GLY C 88 -21.33 -10.96 -43.32
CA GLY C 88 -20.86 -12.34 -43.49
C GLY C 88 -19.44 -12.37 -44.03
N ASP C 89 -18.75 -11.24 -43.90
CA ASP C 89 -17.39 -11.09 -44.39
C ASP C 89 -16.38 -11.75 -43.44
N THR C 90 -15.83 -12.87 -43.88
CA THR C 90 -14.76 -13.56 -43.15
C THR C 90 -13.49 -13.60 -44.01
N GLU C 91 -13.33 -12.60 -44.87
CA GLU C 91 -12.24 -12.59 -45.86
C GLU C 91 -11.31 -11.37 -45.78
N SER C 92 -11.80 -10.28 -45.19
CA SER C 92 -11.03 -9.05 -45.05
C SER C 92 -9.83 -9.21 -44.11
N THR C 93 -8.74 -8.52 -44.41
CA THR C 93 -7.49 -8.66 -43.66
C THR C 93 -7.21 -7.43 -42.78
N MET C 94 -6.56 -7.69 -41.64
CA MET C 94 -6.26 -6.64 -40.66
C MET C 94 -4.79 -6.62 -40.28
N ASP C 95 -4.19 -5.43 -40.30
CA ASP C 95 -2.84 -5.22 -39.80
C ASP C 95 -2.86 -4.41 -38.51
N ILE C 96 -2.77 -5.11 -37.38
CA ILE C 96 -2.72 -4.49 -36.06
C ILE C 96 -1.29 -4.04 -35.78
N VAL C 97 -1.11 -2.72 -35.64
CA VAL C 97 0.22 -2.12 -35.52
C VAL C 97 0.35 -1.25 -34.27
N ASP C 98 1.44 -1.45 -33.54
CA ASP C 98 1.74 -0.68 -32.34
C ASP C 98 3.26 -0.55 -32.15
N ILE C 99 3.70 0.59 -31.63
CA ILE C 99 5.12 0.83 -31.39
C ILE C 99 5.65 0.06 -30.17
N ASN C 100 4.74 -0.25 -29.25
CA ASN C 100 5.08 -1.00 -28.05
C ASN C 100 4.75 -2.49 -28.25
N PRO C 101 5.80 -3.34 -28.28
CA PRO C 101 5.64 -4.79 -28.46
C PRO C 101 4.89 -5.47 -27.32
N ASP C 102 4.85 -4.82 -26.16
CA ASP C 102 4.13 -5.32 -24.99
C ASP C 102 2.62 -5.29 -25.22
N MET C 103 2.15 -4.27 -25.94
CA MET C 103 0.73 -4.09 -26.26
C MET C 103 0.20 -5.14 -27.23
N LEU C 104 1.01 -5.45 -28.24
CA LEU C 104 0.64 -6.45 -29.26
C LEU C 104 0.62 -7.86 -28.70
N LYS C 105 1.49 -8.13 -27.73
CA LYS C 105 1.57 -9.43 -27.08
C LYS C 105 0.33 -9.72 -26.24
N GLU C 106 -0.28 -8.67 -25.71
CA GLU C 106 -1.57 -8.76 -25.01
C GLU C 106 -2.72 -8.91 -26.01
N GLY C 107 -2.56 -8.28 -27.18
CA GLY C 107 -3.52 -8.41 -28.27
C GLY C 107 -3.63 -9.84 -28.75
N GLU C 108 -2.49 -10.52 -28.86
CA GLU C 108 -2.43 -11.94 -29.24
C GLU C 108 -2.98 -12.81 -28.13
N LYS C 109 -2.72 -12.42 -26.88
CA LYS C 109 -3.21 -13.12 -25.70
C LYS C 109 -4.75 -13.11 -25.66
N ARG C 110 -5.34 -11.94 -25.91
CA ARG C 110 -6.79 -11.79 -25.96
C ARG C 110 -7.39 -12.56 -27.13
N ALA C 111 -6.67 -12.60 -28.25
CA ALA C 111 -7.07 -13.39 -29.41
C ALA C 111 -7.03 -14.89 -29.07
N MET C 112 -6.01 -15.30 -28.34
CA MET C 112 -5.88 -16.66 -27.83
C MET C 112 -7.03 -17.01 -26.89
N GLU C 113 -7.33 -16.11 -25.97
CA GLU C 113 -8.36 -16.33 -24.94
C GLU C 113 -9.78 -16.40 -25.50
N GLN C 114 -10.10 -15.50 -26.44
CA GLN C 114 -11.44 -15.45 -27.03
C GLN C 114 -11.68 -16.56 -28.06
N GLY C 115 -10.59 -17.10 -28.59
CA GLY C 115 -10.65 -18.18 -29.58
C GLY C 115 -10.95 -17.67 -30.99
N LYS C 116 -10.37 -16.52 -31.33
CA LYS C 116 -10.58 -15.90 -32.64
C LYS C 116 -9.45 -14.92 -32.97
N TYR C 117 -9.03 -14.93 -34.23
CA TYR C 117 -7.99 -14.04 -34.77
C TYR C 117 -6.56 -14.36 -34.31
N PHE C 118 -6.42 -15.42 -33.51
CA PHE C 118 -5.11 -15.91 -33.08
C PHE C 118 -4.50 -16.80 -34.17
N LYS C 119 -3.20 -16.60 -34.41
CA LYS C 119 -2.46 -17.23 -35.53
C LYS C 119 -3.31 -17.31 -36.81
N ASP C 120 -3.69 -16.14 -37.32
CA ASP C 120 -4.58 -16.03 -38.47
C ASP C 120 -3.83 -15.41 -39.66
N PRO C 121 -4.04 -15.96 -40.87
CA PRO C 121 -3.50 -15.34 -42.09
C PRO C 121 -4.05 -13.93 -42.35
N ARG C 122 -5.32 -13.72 -42.00
CA ARG C 122 -5.98 -12.41 -42.16
C ARG C 122 -5.41 -11.36 -41.20
N VAL C 123 -5.13 -11.78 -39.97
CA VAL C 123 -4.73 -10.85 -38.90
C VAL C 123 -3.23 -10.89 -38.63
N ARG C 124 -2.58 -9.75 -38.80
CA ARG C 124 -1.15 -9.62 -38.52
C ARG C 124 -0.88 -8.67 -37.36
N PHE C 125 0.05 -9.06 -36.49
CA PHE C 125 0.54 -8.22 -35.41
C PHE C 125 1.95 -7.75 -35.73
N LEU C 126 2.11 -6.45 -35.94
CA LEU C 126 3.38 -5.89 -36.38
C LEU C 126 3.88 -4.77 -35.47
N VAL C 127 5.13 -4.87 -35.04
CA VAL C 127 5.78 -3.81 -34.27
C VAL C 127 6.35 -2.79 -35.26
N SER C 128 5.86 -1.55 -35.18
CA SER C 128 6.27 -0.48 -36.09
C SER C 128 5.86 0.90 -35.58
N ASN C 129 6.61 1.91 -35.99
CA ASN C 129 6.29 3.30 -35.68
C ASN C 129 5.25 3.85 -36.65
N GLY C 130 4.16 4.36 -36.10
CA GLY C 130 3.06 4.92 -36.89
C GLY C 130 3.45 6.12 -37.73
N GLU C 131 4.49 6.83 -37.30
CA GLU C 131 5.00 7.98 -38.02
C GLU C 131 5.75 7.59 -39.30
N LYS C 132 6.08 6.30 -39.44
CA LYS C 132 6.87 5.82 -40.57
C LYS C 132 6.22 4.63 -41.30
N LEU C 133 5.77 3.63 -40.54
CA LEU C 133 5.22 2.39 -41.08
C LEU C 133 6.05 1.86 -42.26
N GLU C 134 7.34 1.63 -42.01
CA GLU C 134 8.32 1.31 -43.04
C GLU C 134 8.09 -0.05 -43.71
N GLU C 135 7.50 -0.98 -42.98
CA GLU C 135 7.22 -2.32 -43.51
C GLU C 135 5.86 -2.43 -44.21
N ILE C 136 5.12 -1.32 -44.24
CA ILE C 136 3.84 -1.27 -44.95
C ILE C 136 4.04 -0.60 -46.31
N ASP C 137 3.60 -1.28 -47.37
CA ASP C 137 3.73 -0.76 -48.74
C ASP C 137 2.74 0.35 -49.04
N SER C 138 3.13 1.24 -49.95
CA SER C 138 2.28 2.35 -50.38
C SER C 138 1.07 1.85 -51.17
N ASP C 139 -0.07 2.53 -50.99
CA ASP C 139 -1.31 2.23 -51.71
C ASP C 139 -1.76 0.76 -51.58
N SER C 140 -1.61 0.21 -50.38
CA SER C 140 -1.91 -1.19 -50.13
C SER C 140 -3.16 -1.40 -49.26
N LYS C 141 -3.58 -0.34 -48.56
CA LYS C 141 -4.66 -0.44 -47.58
C LYS C 141 -5.90 0.36 -47.96
N ASP C 142 -7.06 -0.22 -47.69
CA ASP C 142 -8.36 0.41 -47.98
C ASP C 142 -8.80 1.30 -46.82
N ILE C 143 -8.62 0.81 -45.59
CA ILE C 143 -9.06 1.52 -44.39
C ILE C 143 -7.92 1.71 -43.41
N TYR C 144 -7.72 2.95 -42.97
CA TYR C 144 -6.80 3.26 -41.91
C TYR C 144 -7.59 3.74 -40.69
N THR C 145 -7.46 3.02 -39.59
CA THR C 145 -8.08 3.43 -38.32
C THR C 145 -7.02 3.71 -37.26
N VAL C 146 -7.28 4.73 -36.45
CA VAL C 146 -6.47 5.03 -35.28
C VAL C 146 -7.39 5.51 -34.14
N SER C 147 -7.31 4.83 -33.01
CA SER C 147 -8.20 5.07 -31.89
C SER C 147 -7.45 5.50 -30.64
N PHE C 148 -7.62 6.76 -30.26
CA PHE C 148 -7.01 7.34 -29.06
C PHE C 148 -5.49 7.20 -28.99
N GLY C 149 -4.85 7.13 -30.14
CA GLY C 149 -3.40 6.95 -30.21
C GLY C 149 -2.65 8.14 -30.79
N ILE C 150 -3.26 8.80 -31.78
CA ILE C 150 -2.61 9.89 -32.52
C ILE C 150 -2.08 11.03 -31.63
N ARG C 151 -2.73 11.25 -30.48
CA ARG C 151 -2.29 12.29 -29.53
C ARG C 151 -0.95 11.97 -28.89
N ASN C 152 -0.59 10.68 -28.85
CA ASN C 152 0.68 10.23 -28.27
C ASN C 152 1.83 10.23 -29.28
N PHE C 153 1.56 10.69 -30.50
CA PHE C 153 2.57 10.81 -31.54
C PHE C 153 3.42 12.04 -31.26
N THR C 154 4.74 11.87 -31.31
CA THR C 154 5.67 12.99 -31.15
C THR C 154 5.55 13.95 -32.34
N ASP C 155 5.24 13.39 -33.51
CA ASP C 155 4.91 14.17 -34.70
C ASP C 155 3.60 13.67 -35.31
N ILE C 156 2.53 14.43 -35.07
CA ILE C 156 1.19 14.09 -35.55
C ILE C 156 1.10 14.25 -37.07
N GLN C 157 1.67 15.34 -37.59
CA GLN C 157 1.65 15.65 -39.02
C GLN C 157 2.29 14.53 -39.85
N LYS C 158 3.48 14.08 -39.43
CA LYS C 158 4.20 13.00 -40.10
C LYS C 158 3.41 11.69 -40.04
N GLY C 159 2.66 11.49 -38.95
CA GLY C 159 1.77 10.36 -38.80
C GLY C 159 0.64 10.38 -39.82
N LEU C 160 0.11 11.57 -40.07
CA LEU C 160 -0.95 11.76 -41.06
C LEU C 160 -0.44 11.56 -42.48
N ASN C 161 0.76 12.06 -42.75
CA ASN C 161 1.41 11.90 -44.05
C ASN C 161 1.66 10.43 -44.38
N THR C 162 2.03 9.66 -43.36
CA THR C 162 2.22 8.22 -43.49
C THR C 162 0.88 7.52 -43.78
N ALA C 163 -0.18 7.97 -43.10
CA ALA C 163 -1.53 7.44 -43.31
C ALA C 163 -1.99 7.65 -44.76
N TYR C 164 -1.66 8.82 -45.31
CA TYR C 164 -1.93 9.14 -46.71
C TYR C 164 -1.13 8.21 -47.63
N ARG C 165 0.17 8.08 -47.32
CA ARG C 165 1.10 7.26 -48.09
C ARG C 165 0.65 5.80 -48.16
N VAL C 166 0.15 5.28 -47.05
CA VAL C 166 -0.22 3.87 -46.91
C VAL C 166 -1.53 3.50 -47.62
N LEU C 167 -2.48 4.43 -47.63
CA LEU C 167 -3.82 4.17 -48.18
C LEU C 167 -3.89 4.16 -49.70
N LYS C 168 -4.85 3.40 -50.24
CA LYS C 168 -5.16 3.37 -51.66
C LYS C 168 -5.88 4.65 -52.08
N PRO C 169 -5.89 4.97 -53.39
CA PRO C 169 -6.74 6.06 -53.86
C PRO C 169 -8.21 5.75 -53.59
N GLY C 170 -8.87 6.65 -52.85
CA GLY C 170 -10.24 6.42 -52.40
C GLY C 170 -10.29 5.67 -51.06
N GLY C 171 -9.13 5.50 -50.44
CA GLY C 171 -9.03 4.90 -49.12
C GLY C 171 -9.40 5.90 -48.05
N ILE C 172 -9.84 5.40 -46.90
CA ILE C 172 -10.32 6.25 -45.81
C ILE C 172 -9.38 6.26 -44.61
N PHE C 173 -9.00 7.46 -44.17
CA PHE C 173 -8.38 7.66 -42.88
C PHE C 173 -9.47 7.89 -41.85
N TYR C 174 -9.43 7.15 -40.76
CA TYR C 174 -10.49 7.21 -39.75
C TYR C 174 -9.93 7.28 -38.34
N CYS C 175 -10.19 8.40 -37.67
CA CYS C 175 -9.58 8.69 -36.38
C CYS C 175 -10.59 9.03 -35.28
N LEU C 176 -10.49 8.33 -34.16
CA LEU C 176 -11.20 8.69 -32.95
C LEU C 176 -10.18 9.18 -31.93
N GLU C 177 -10.41 10.39 -31.41
CA GLU C 177 -9.47 11.02 -30.49
C GLU C 177 -10.16 12.09 -29.64
N PHE C 178 -9.62 12.34 -28.45
CA PHE C 178 -10.06 13.44 -27.60
C PHE C 178 -9.96 14.78 -28.35
N SER C 179 -10.82 15.71 -27.99
CA SER C 179 -10.87 17.00 -28.69
C SER C 179 -11.21 18.15 -27.76
N LYS C 180 -11.61 19.28 -28.34
CA LYS C 180 -11.95 20.48 -27.58
C LYS C 180 -13.45 20.55 -27.33
N ILE C 181 -13.82 20.76 -26.07
CA ILE C 181 -15.21 20.95 -25.70
C ILE C 181 -15.67 22.35 -26.11
N GLU C 182 -16.77 22.39 -26.85
CA GLU C 182 -17.25 23.60 -27.49
C GLU C 182 -18.00 24.52 -26.52
N ASN C 183 -18.85 23.92 -25.69
CA ASN C 183 -19.59 24.64 -24.67
C ASN C 183 -18.72 25.09 -23.48
N PRO C 184 -18.74 26.40 -23.14
CA PRO C 184 -17.98 26.97 -22.02
C PRO C 184 -18.27 26.34 -20.65
N LEU C 185 -19.54 26.10 -20.34
CA LEU C 185 -19.94 25.46 -19.09
C LEU C 185 -19.37 24.06 -18.91
N MET C 186 -19.41 23.28 -19.98
CA MET C 186 -18.94 21.89 -19.95
C MET C 186 -17.43 21.80 -19.99
N ASP C 187 -16.79 22.70 -20.74
CA ASP C 187 -15.34 22.78 -20.76
C ASP C 187 -14.80 23.10 -19.37
N PHE C 188 -15.42 24.08 -18.71
CA PHE C 188 -15.03 24.50 -17.37
C PHE C 188 -15.07 23.35 -16.36
N ALA C 189 -16.17 22.59 -16.38
CA ALA C 189 -16.32 21.44 -15.49
C ALA C 189 -15.31 20.34 -15.80
N TYR C 190 -15.02 20.15 -17.08
CA TYR C 190 -14.02 19.17 -17.50
C TYR C 190 -12.62 19.55 -17.02
N GLN C 191 -12.30 20.83 -17.10
CA GLN C 191 -10.98 21.31 -16.67
C GLN C 191 -10.72 21.03 -15.19
N GLN C 192 -11.77 21.13 -14.36
CA GLN C 192 -11.67 20.79 -12.95
C GLN C 192 -11.49 19.28 -12.77
N TRP C 193 -12.14 18.52 -13.64
CA TRP C 193 -12.00 17.07 -13.72
C TRP C 193 -10.60 16.67 -14.09
N ALA C 194 -10.03 17.39 -15.07
CA ALA C 194 -8.65 17.17 -15.49
C ALA C 194 -7.61 17.59 -14.44
N LYS C 195 -8.04 18.37 -13.46
CA LYS C 195 -7.18 18.78 -12.35
C LYS C 195 -7.20 17.78 -11.19
N VAL C 196 -8.40 17.34 -10.80
CA VAL C 196 -8.55 16.47 -9.63
C VAL C 196 -8.19 15.01 -9.94
N LEU C 197 -8.31 14.62 -11.20
CA LEU C 197 -8.10 13.24 -11.62
C LEU C 197 -6.65 12.74 -11.42
N PRO C 198 -5.64 13.54 -11.83
CA PRO C 198 -4.27 13.09 -11.57
C PRO C 198 -3.90 13.07 -10.09
N VAL C 199 -4.54 13.92 -9.29
CA VAL C 199 -4.31 13.94 -7.84
C VAL C 199 -4.86 12.67 -7.18
N MET C 200 -6.13 12.35 -7.48
CA MET C 200 -6.77 11.16 -6.96
C MET C 200 -6.07 9.88 -7.41
N GLY C 201 -5.71 9.84 -8.69
CA GLY C 201 -4.97 8.72 -9.25
C GLY C 201 -3.61 8.56 -8.62
N SER C 202 -3.01 9.68 -8.25
CA SER C 202 -1.71 9.69 -7.59
C SER C 202 -1.83 9.21 -6.13
N MET C 203 -2.83 9.75 -5.42
CA MET C 203 -3.03 9.43 -4.00
C MET C 203 -3.44 7.99 -3.77
N ILE C 204 -4.32 7.47 -4.63
CA ILE C 204 -4.90 6.14 -4.44
C ILE C 204 -4.11 5.04 -5.16
N ALA C 205 -3.69 5.31 -6.39
CA ALA C 205 -3.09 4.26 -7.25
C ALA C 205 -1.65 4.57 -7.66
N ASN C 206 -1.08 5.66 -7.14
CA ASN C 206 0.27 6.09 -7.50
C ASN C 206 0.43 6.29 -9.01
N ASP C 207 -0.62 6.79 -9.66
CA ASP C 207 -0.67 6.92 -11.11
C ASP C 207 -0.67 8.36 -11.61
N TYR C 208 0.07 9.24 -10.94
CA TYR C 208 0.13 10.65 -11.36
C TYR C 208 0.60 10.80 -12.80
N ASP C 209 1.73 10.19 -13.13
CA ASP C 209 2.35 10.30 -14.45
C ASP C 209 1.39 9.90 -15.58
N SER C 210 0.69 8.79 -15.40
CA SER C 210 -0.27 8.30 -16.39
C SER C 210 -1.41 9.28 -16.64
N TYR C 211 -2.01 9.79 -15.56
CA TYR C 211 -3.16 10.69 -15.67
C TYR C 211 -2.77 12.12 -16.07
N GLN C 212 -1.62 12.59 -15.61
CA GLN C 212 -1.14 13.92 -15.98
C GLN C 212 -0.69 13.98 -17.44
N TYR C 213 0.01 12.94 -17.89
CA TYR C 213 0.42 12.85 -19.29
C TYR C 213 -0.81 12.81 -20.22
N LEU C 214 -1.81 12.02 -19.82
CA LEU C 214 -3.08 11.97 -20.54
C LEU C 214 -3.72 13.36 -20.65
N VAL C 215 -3.87 14.04 -19.51
CA VAL C 215 -4.46 15.38 -19.45
C VAL C 215 -3.70 16.36 -20.36
N GLU C 216 -2.38 16.37 -20.26
CA GLU C 216 -1.54 17.26 -21.05
C GLU C 216 -1.57 16.94 -22.54
N SER C 217 -1.66 15.66 -22.88
CA SER C 217 -1.74 15.24 -24.28
C SER C 217 -3.08 15.59 -24.92
N ILE C 218 -4.13 15.65 -24.10
CA ILE C 218 -5.43 16.15 -24.54
C ILE C 218 -5.36 17.66 -24.77
N GLU C 219 -4.69 18.36 -23.84
CA GLU C 219 -4.47 19.80 -23.92
C GLU C 219 -3.66 20.26 -25.13
N ARG C 220 -2.58 19.53 -25.44
CA ARG C 220 -1.70 19.88 -26.55
C ARG C 220 -2.33 19.59 -27.91
N PHE C 221 -3.26 18.65 -27.94
CA PHE C 221 -3.90 18.21 -29.18
C PHE C 221 -4.73 19.32 -29.82
N PRO C 222 -4.57 19.50 -31.15
CA PRO C 222 -5.30 20.56 -31.87
C PRO C 222 -6.81 20.32 -31.86
N ASP C 223 -7.58 21.40 -31.87
CA ASP C 223 -9.04 21.32 -31.88
C ASP C 223 -9.58 20.71 -33.19
N GLN C 224 -10.89 20.56 -33.28
CA GLN C 224 -11.54 19.91 -34.41
C GLN C 224 -11.15 20.51 -35.77
N GLU C 225 -11.15 21.85 -35.85
CA GLU C 225 -10.83 22.55 -37.09
C GLU C 225 -9.34 22.50 -37.45
N THR C 226 -8.48 22.76 -36.46
CA THR C 226 -7.03 22.75 -36.66
C THR C 226 -6.53 21.37 -37.11
N PHE C 227 -7.05 20.32 -36.47
CA PHE C 227 -6.69 18.95 -36.80
C PHE C 227 -7.21 18.55 -38.19
N LYS C 228 -8.38 19.08 -38.55
CA LYS C 228 -8.96 18.90 -39.88
C LYS C 228 -8.06 19.48 -40.96
N SER C 229 -7.49 20.66 -40.69
CA SER C 229 -6.56 21.32 -41.59
C SER C 229 -5.28 20.51 -41.78
N MET C 230 -4.85 19.83 -40.71
CA MET C 230 -3.67 18.97 -40.74
C MET C 230 -3.90 17.73 -41.58
N ILE C 231 -5.12 17.20 -41.51
CA ILE C 231 -5.53 16.07 -42.34
C ILE C 231 -5.56 16.49 -43.81
N GLU C 232 -6.02 17.72 -44.06
CA GLU C 232 -6.06 18.28 -45.41
C GLU C 232 -4.65 18.61 -45.92
N LYS C 233 -3.76 19.03 -45.02
CA LYS C 233 -2.38 19.30 -45.36
C LYS C 233 -1.62 18.02 -45.75
N ALA C 234 -2.00 16.90 -45.13
CA ALA C 234 -1.44 15.60 -45.45
C ALA C 234 -1.78 15.16 -46.87
N GLY C 235 -2.76 15.84 -47.46
CA GLY C 235 -3.19 15.57 -48.84
C GLY C 235 -4.62 15.09 -48.96
N PHE C 236 -5.22 14.68 -47.84
CA PHE C 236 -6.58 14.13 -47.84
C PHE C 236 -7.63 15.12 -48.33
N LYS C 237 -8.68 14.59 -48.95
CA LYS C 237 -9.76 15.41 -49.48
C LYS C 237 -11.08 15.08 -48.79
N SER C 238 -12.01 16.04 -48.83
CA SER C 238 -13.31 15.97 -48.14
C SER C 238 -13.16 15.55 -46.68
N ALA C 239 -12.28 16.25 -45.97
CA ALA C 239 -12.08 16.01 -44.55
C ALA C 239 -13.26 16.55 -43.75
N GLY C 240 -13.56 15.87 -42.64
CA GLY C 240 -14.63 16.30 -41.76
C GLY C 240 -14.50 15.68 -40.38
N TYR C 241 -15.39 16.08 -39.48
CA TYR C 241 -15.40 15.54 -38.13
C TYR C 241 -16.82 15.48 -37.54
N GLU C 242 -17.03 14.51 -36.66
CA GLU C 242 -18.20 14.48 -35.80
C GLU C 242 -17.76 14.58 -34.36
N SER C 243 -18.17 15.64 -33.68
CA SER C 243 -17.94 15.78 -32.25
C SER C 243 -18.84 14.84 -31.48
N LEU C 244 -18.26 14.13 -30.52
CA LEU C 244 -19.00 13.21 -29.66
C LEU C 244 -19.04 13.77 -28.25
N THR C 245 -20.20 13.68 -27.61
CA THR C 245 -20.41 14.18 -26.25
C THR C 245 -19.90 15.61 -26.12
N PHE C 246 -20.50 16.51 -26.91
CA PHE C 246 -20.23 17.95 -26.87
C PHE C 246 -18.76 18.33 -27.13
N GLY C 247 -18.01 17.40 -27.70
CA GLY C 247 -16.62 17.65 -28.07
C GLY C 247 -15.55 17.06 -27.15
N ILE C 248 -15.94 16.19 -26.21
CA ILE C 248 -14.97 15.49 -25.36
C ILE C 248 -13.99 14.73 -26.25
N CYS C 249 -14.54 14.11 -27.29
CA CYS C 249 -13.73 13.50 -28.34
C CYS C 249 -14.42 13.71 -29.68
N ALA C 250 -13.71 13.38 -30.75
CA ALA C 250 -14.21 13.57 -32.09
C ALA C 250 -13.77 12.45 -33.02
N ILE C 251 -14.59 12.19 -34.03
CA ILE C 251 -14.20 11.30 -35.11
C ILE C 251 -13.80 12.17 -36.29
N HIS C 252 -12.59 11.94 -36.81
CA HIS C 252 -12.09 12.66 -37.98
C HIS C 252 -11.87 11.71 -39.12
N TRP C 253 -12.12 12.19 -40.34
CA TRP C 253 -11.87 11.40 -41.54
C TRP C 253 -11.20 12.18 -42.62
N GLY C 254 -10.52 11.46 -43.51
CA GLY C 254 -9.93 12.01 -44.71
C GLY C 254 -9.94 10.94 -45.80
N ILE C 255 -10.18 11.37 -47.04
CA ILE C 255 -10.20 10.46 -48.17
C ILE C 255 -9.06 10.80 -49.13
N LYS C 256 -8.31 9.78 -49.56
CA LYS C 256 -7.17 9.97 -50.45
C LYS C 256 -7.59 10.27 -51.88
N VAL C 257 -7.08 11.40 -52.40
CA VAL C 257 -7.32 11.85 -53.79
C VAL C 257 -8.80 12.03 -54.11
N ASN D 26 5.16 -0.80 20.93
CA ASN D 26 6.16 -0.40 19.89
C ASN D 26 5.82 0.92 19.20
N ARG D 27 4.53 1.27 19.17
CA ARG D 27 4.07 2.52 18.57
C ARG D 27 4.75 3.73 19.21
N TYR D 28 4.83 3.71 20.54
CA TYR D 28 5.50 4.77 21.29
C TYR D 28 7.02 4.67 21.18
N ASP D 29 7.54 3.45 21.17
CA ASP D 29 8.97 3.19 20.93
C ASP D 29 9.42 3.82 19.62
N LEU D 30 8.62 3.65 18.58
CA LEU D 30 8.92 4.16 17.25
C LEU D 30 8.88 5.69 17.20
N MET D 31 7.83 6.27 17.79
CA MET D 31 7.67 7.72 17.83
C MET D 31 8.77 8.40 18.64
N ASN D 32 9.21 7.74 19.72
CA ASN D 32 10.35 8.21 20.50
C ASN D 32 11.66 8.10 19.73
N ASP D 33 11.84 7.00 19.02
CA ASP D 33 12.98 6.81 18.12
C ASP D 33 13.03 7.90 17.05
N VAL D 34 11.87 8.20 16.46
CA VAL D 34 11.79 9.15 15.36
C VAL D 34 11.97 10.60 15.81
N MET D 35 11.16 11.01 16.79
CA MET D 35 11.18 12.38 17.31
C MET D 35 12.56 12.81 17.82
N SER D 36 13.24 11.90 18.51
CA SER D 36 14.54 12.18 19.14
C SER D 36 15.72 11.64 18.34
N LEU D 37 15.45 11.03 17.19
CA LEU D 37 16.45 10.35 16.38
C LEU D 37 17.27 9.35 17.22
N GLY D 38 16.56 8.61 18.07
CA GLY D 38 17.16 7.58 18.92
C GLY D 38 17.94 8.07 20.11
N ILE D 39 18.04 9.39 20.27
CA ILE D 39 18.83 9.99 21.36
C ILE D 39 18.14 9.82 22.72
N HIS D 40 16.83 9.56 22.71
CA HIS D 40 16.08 9.29 23.93
C HIS D 40 16.66 8.13 24.71
N ARG D 41 17.37 7.24 24.03
CA ARG D 41 18.11 6.15 24.68
C ARG D 41 19.19 6.72 25.59
N LEU D 42 19.95 7.69 25.08
CA LEU D 42 21.02 8.34 25.84
C LEU D 42 20.49 9.21 26.97
N TRP D 43 19.31 9.80 26.77
CA TRP D 43 18.64 10.55 27.83
C TRP D 43 18.23 9.66 28.96
N LYS D 44 17.73 8.47 28.60
CA LYS D 44 17.34 7.45 29.58
C LYS D 44 18.53 6.88 30.35
N ASP D 45 19.64 6.64 29.66
CA ASP D 45 20.87 6.19 30.30
C ASP D 45 21.40 7.23 31.31
N HIS D 46 21.32 8.51 30.93
CA HIS D 46 21.74 9.61 31.80
C HIS D 46 20.81 9.76 32.97
N PHE D 47 19.51 9.63 32.71
CA PHE D 47 18.45 9.68 33.71
C PHE D 47 18.66 8.62 34.81
N ILE D 48 18.97 7.40 34.40
CA ILE D 48 19.16 6.29 35.32
C ILE D 48 20.44 6.45 36.14
N ASN D 49 21.51 6.85 35.48
CA ASN D 49 22.80 7.09 36.15
C ASN D 49 22.77 8.28 37.12
N LYS D 50 22.01 9.31 36.77
CA LYS D 50 21.86 10.48 37.63
C LYS D 50 21.06 10.15 38.90
N LEU D 51 19.99 9.38 38.74
CA LEU D 51 19.17 8.94 39.87
C LEU D 51 19.97 8.05 40.82
N ASP D 52 20.77 7.15 40.25
CA ASP D 52 21.69 6.29 40.99
C ASP D 52 21.01 5.57 42.16
N ALA D 53 19.84 5.00 41.88
CA ALA D 53 19.02 4.35 42.90
C ALA D 53 19.33 2.85 43.03
N GLY D 54 19.01 2.29 44.19
CA GLY D 54 19.27 0.88 44.47
C GLY D 54 19.81 0.66 45.87
N LYS D 55 19.65 -0.57 46.36
CA LYS D 55 20.12 -0.95 47.69
C LYS D 55 21.64 -1.06 47.74
N ARG D 56 22.25 -0.27 48.62
CA ARG D 56 23.70 -0.29 48.84
C ARG D 56 24.14 -1.58 49.51
N PRO D 57 25.32 -2.11 49.14
CA PRO D 57 25.82 -3.42 49.61
C PRO D 57 25.77 -3.62 51.14
N ASN D 58 26.07 -2.57 51.90
CA ASN D 58 26.03 -2.63 53.36
C ASN D 58 24.65 -2.29 53.95
N SER D 59 23.61 -2.78 53.30
CA SER D 59 22.22 -2.59 53.74
C SER D 59 21.35 -3.77 53.33
N THR D 60 20.35 -4.08 54.14
CA THR D 60 19.45 -5.20 53.87
C THR D 60 18.00 -4.76 53.71
N THR D 61 17.79 -3.44 53.59
CA THR D 61 16.46 -2.88 53.33
C THR D 61 16.22 -2.79 51.82
N PRO D 62 15.25 -3.57 51.31
CA PRO D 62 14.93 -3.54 49.88
C PRO D 62 14.08 -2.34 49.50
N LEU D 63 14.46 -1.65 48.43
CA LEU D 63 13.73 -0.47 47.95
C LEU D 63 12.52 -0.87 47.11
N ASN D 64 11.48 -0.04 47.16
CA ASN D 64 10.26 -0.29 46.39
C ASN D 64 10.09 0.74 45.26
N PHE D 65 10.43 0.32 44.06
CA PHE D 65 10.37 1.17 42.87
C PHE D 65 8.97 1.20 42.28
N ILE D 66 8.62 2.32 41.66
CA ILE D 66 7.42 2.38 40.83
C ILE D 66 7.65 3.23 39.57
N ASP D 67 7.47 2.58 38.42
CA ASP D 67 7.64 3.24 37.13
C ASP D 67 6.28 3.40 36.48
N VAL D 68 5.82 4.65 36.41
CA VAL D 68 4.49 4.96 35.87
C VAL D 68 4.61 5.35 34.39
N ALA D 69 3.63 4.91 33.60
CA ALA D 69 3.65 5.04 32.15
C ALA D 69 4.87 4.32 31.56
N GLY D 70 5.08 3.09 32.06
CA GLY D 70 6.27 2.30 31.72
C GLY D 70 6.34 1.81 30.29
N GLY D 71 5.17 1.54 29.69
CA GLY D 71 5.12 1.05 28.31
C GLY D 71 5.92 -0.22 28.11
N SER D 72 6.85 -0.20 27.16
CA SER D 72 7.69 -1.36 26.87
C SER D 72 8.75 -1.62 27.96
N GLY D 73 8.92 -0.66 28.86
CA GLY D 73 9.70 -0.86 30.09
C GLY D 73 11.15 -0.47 30.07
N ASP D 74 11.51 0.50 29.22
CA ASP D 74 12.90 0.97 29.10
C ASP D 74 13.52 1.37 30.43
N ILE D 75 12.78 2.16 31.21
CA ILE D 75 13.27 2.68 32.50
C ILE D 75 13.21 1.63 33.60
N ALA D 76 12.08 0.95 33.70
CA ALA D 76 11.86 -0.06 34.73
C ALA D 76 12.95 -1.13 34.74
N PHE D 77 13.22 -1.71 33.57
CA PHE D 77 14.28 -2.71 33.43
C PHE D 77 15.65 -2.07 33.56
N GLY D 78 15.77 -0.83 33.11
CA GLY D 78 17.02 -0.06 33.20
C GLY D 78 17.43 0.19 34.64
N LEU D 79 16.46 0.60 35.46
CA LEU D 79 16.68 0.82 36.89
C LEU D 79 17.12 -0.46 37.60
N LEU D 80 16.42 -1.56 37.29
CA LEU D 80 16.73 -2.87 37.89
C LEU D 80 18.10 -3.39 37.47
N ASP D 81 18.45 -3.18 36.19
CA ASP D 81 19.75 -3.62 35.66
C ASP D 81 20.91 -2.82 36.24
N HIS D 82 20.68 -1.53 36.44
CA HIS D 82 21.70 -0.62 36.99
C HIS D 82 21.96 -0.89 38.44
N ALA D 83 20.88 -1.20 39.17
CA ALA D 83 20.96 -1.51 40.61
C ALA D 83 21.74 -2.80 40.87
N GLU D 84 21.66 -3.75 39.94
CA GLU D 84 22.37 -5.02 40.06
C GLU D 84 23.86 -4.89 39.76
N SER D 85 24.20 -4.30 38.61
CA SER D 85 25.59 -4.22 38.15
C SER D 85 26.47 -3.32 39.02
N LYS D 86 25.90 -2.27 39.59
CA LYS D 86 26.68 -1.29 40.37
C LYS D 86 26.68 -1.58 41.87
N PHE D 87 25.59 -2.16 42.37
CA PHE D 87 25.42 -2.36 43.81
C PHE D 87 25.28 -3.83 44.24
N GLY D 88 25.00 -4.71 43.28
CA GLY D 88 24.75 -6.12 43.58
C GLY D 88 23.36 -6.35 44.13
N ASP D 89 22.47 -5.40 43.86
CA ASP D 89 21.09 -5.44 44.32
C ASP D 89 20.22 -6.31 43.42
N THR D 90 19.77 -7.44 43.95
CA THR D 90 18.77 -8.29 43.29
C THR D 90 17.60 -8.51 44.24
N GLU D 91 17.29 -7.48 45.02
CA GLU D 91 16.28 -7.58 46.08
C GLU D 91 15.11 -6.63 45.86
N SER D 92 15.40 -5.42 45.40
CA SER D 92 14.41 -4.35 45.24
C SER D 92 13.25 -4.73 44.30
N THR D 93 12.04 -4.36 44.69
CA THR D 93 10.85 -4.65 43.89
C THR D 93 10.52 -3.52 42.93
N MET D 94 9.84 -3.86 41.83
CA MET D 94 9.48 -2.89 40.81
C MET D 94 8.03 -3.07 40.37
N ASP D 95 7.25 -2.00 40.47
CA ASP D 95 5.89 -1.98 39.96
C ASP D 95 5.84 -1.17 38.65
N ILE D 96 5.52 -1.85 37.56
CA ILE D 96 5.42 -1.21 36.24
C ILE D 96 3.95 -0.94 35.94
N VAL D 97 3.61 0.33 35.79
CA VAL D 97 2.22 0.77 35.68
C VAL D 97 1.97 1.47 34.34
N ASP D 98 0.85 1.13 33.70
CA ASP D 98 0.45 1.75 32.45
C ASP D 98 -1.08 1.67 32.30
N ILE D 99 -1.66 2.70 31.71
CA ILE D 99 -3.11 2.77 31.51
C ILE D 99 -3.58 1.86 30.37
N ASN D 100 -2.64 1.51 29.48
CA ASN D 100 -2.94 0.70 28.31
C ASN D 100 -2.43 -0.73 28.50
N PRO D 101 -3.36 -1.70 28.54
CA PRO D 101 -3.01 -3.12 28.70
C PRO D 101 -2.17 -3.65 27.55
N ASP D 102 -2.46 -3.21 26.33
CA ASP D 102 -1.69 -3.61 25.14
C ASP D 102 -0.26 -3.10 25.17
N MET D 103 -0.06 -1.89 25.72
CA MET D 103 1.28 -1.34 25.89
C MET D 103 2.05 -2.09 26.98
N LEU D 104 1.36 -2.43 28.07
CA LEU D 104 1.93 -3.22 29.17
C LEU D 104 2.37 -4.61 28.74
N LYS D 105 1.49 -5.29 28.00
CA LYS D 105 1.76 -6.65 27.53
C LYS D 105 3.06 -6.72 26.74
N GLU D 106 3.32 -5.70 25.94
CA GLU D 106 4.56 -5.59 25.16
C GLU D 106 5.80 -5.47 26.06
N GLY D 107 5.64 -4.84 27.20
CA GLY D 107 6.71 -4.74 28.20
C GLY D 107 7.04 -6.10 28.80
N GLU D 108 6.00 -6.88 29.07
CA GLU D 108 6.16 -8.24 29.57
C GLU D 108 6.62 -9.19 28.44
N LYS D 109 6.19 -8.88 27.21
CA LYS D 109 6.62 -9.61 26.02
C LYS D 109 8.11 -9.38 25.74
N ARG D 110 8.58 -8.18 26.06
CA ARG D 110 10.00 -7.85 25.95
C ARG D 110 10.79 -8.52 27.07
N ALA D 111 10.12 -8.72 28.21
CA ALA D 111 10.75 -9.33 29.40
C ALA D 111 11.05 -10.81 29.22
N MET D 112 10.19 -11.52 28.50
CA MET D 112 10.40 -12.96 28.25
C MET D 112 11.50 -13.21 27.22
N GLU D 113 11.57 -12.35 26.21
CA GLU D 113 12.54 -12.50 25.12
C GLU D 113 13.97 -12.19 25.56
N GLN D 114 14.11 -11.28 26.52
CA GLN D 114 15.40 -11.03 27.17
C GLN D 114 15.64 -12.04 28.30
N GLY D 115 14.55 -12.57 28.84
CA GLY D 115 14.59 -13.60 29.88
C GLY D 115 15.26 -13.19 31.18
N LYS D 116 14.78 -12.10 31.78
CA LYS D 116 15.34 -11.62 33.05
C LYS D 116 14.29 -11.21 34.09
N TYR D 117 13.25 -10.51 33.65
CA TYR D 117 12.22 -10.02 34.58
C TYR D 117 10.83 -10.58 34.29
N PHE D 118 10.78 -11.64 33.49
CA PHE D 118 9.54 -12.36 33.21
C PHE D 118 9.29 -13.41 34.28
N LYS D 119 8.06 -13.48 34.77
CA LYS D 119 7.68 -14.37 35.88
C LYS D 119 8.63 -14.22 37.07
N ASP D 120 8.87 -12.97 37.45
CA ASP D 120 9.73 -12.62 38.57
C ASP D 120 8.85 -12.07 39.70
N PRO D 121 9.00 -12.61 40.91
CA PRO D 121 8.24 -12.12 42.07
C PRO D 121 8.53 -10.65 42.40
N ARG D 122 9.73 -10.19 42.05
CA ARG D 122 10.15 -8.80 42.27
C ARG D 122 9.41 -7.80 41.38
N VAL D 123 9.04 -8.24 40.18
CA VAL D 123 8.45 -7.35 39.17
C VAL D 123 6.96 -7.59 38.99
N ARG D 124 6.18 -6.52 39.14
CA ARG D 124 4.74 -6.57 38.93
C ARG D 124 4.30 -5.63 37.80
N PHE D 125 3.51 -6.17 36.86
CA PHE D 125 2.89 -5.38 35.81
C PHE D 125 1.46 -5.06 36.20
N LEU D 126 1.09 -3.78 36.12
CA LEU D 126 -0.22 -3.32 36.60
C LEU D 126 -0.92 -2.36 35.65
N VAL D 127 -2.16 -2.68 35.29
CA VAL D 127 -3.00 -1.75 34.55
C VAL D 127 -3.62 -0.78 35.55
N SER D 128 -3.26 0.50 35.43
CA SER D 128 -3.75 1.55 36.32
C SER D 128 -3.52 2.94 35.74
N ASN D 129 -4.37 3.88 36.12
CA ASN D 129 -4.23 5.28 35.74
C ASN D 129 -3.27 5.99 36.70
N GLY D 130 -2.30 6.70 36.13
CA GLY D 130 -1.30 7.44 36.92
C GLY D 130 -1.87 8.60 37.71
N GLU D 131 -3.09 9.01 37.36
CA GLU D 131 -3.80 10.07 38.07
C GLU D 131 -4.43 9.57 39.37
N LYS D 132 -4.56 8.26 39.51
CA LYS D 132 -5.24 7.65 40.66
C LYS D 132 -4.36 6.67 41.42
N LEU D 133 -3.81 5.67 40.71
CA LEU D 133 -3.03 4.57 41.30
C LEU D 133 -3.69 3.99 42.56
N GLU D 134 -4.94 3.57 42.40
CA GLU D 134 -5.78 3.09 43.51
C GLU D 134 -5.28 1.78 44.11
N GLU D 135 -4.59 0.97 43.30
CA GLU D 135 -4.05 -0.32 43.73
C GLU D 135 -2.79 -0.17 44.60
N ILE D 136 -2.15 1.00 44.53
CA ILE D 136 -0.92 1.27 45.28
C ILE D 136 -1.25 1.89 46.64
N ASP D 137 -0.55 1.44 47.68
CA ASP D 137 -0.74 1.98 49.02
C ASP D 137 0.01 3.29 49.21
N SER D 138 -0.55 4.16 50.05
CA SER D 138 0.09 5.42 50.41
C SER D 138 1.34 5.16 51.24
N ASP D 139 2.39 5.93 50.97
CA ASP D 139 3.68 5.83 51.68
C ASP D 139 4.30 4.42 51.62
N SER D 140 4.35 3.84 50.43
CA SER D 140 4.85 2.47 50.26
C SER D 140 6.07 2.37 49.34
N LYS D 141 6.32 3.42 48.57
CA LYS D 141 7.39 3.39 47.57
C LYS D 141 8.54 4.35 47.88
N ASP D 142 9.76 3.90 47.60
CA ASP D 142 10.96 4.70 47.81
C ASP D 142 11.30 5.57 46.59
N ILE D 143 11.11 5.01 45.40
CA ILE D 143 11.48 5.67 44.15
C ILE D 143 10.33 5.67 43.15
N TYR D 144 9.95 6.87 42.69
CA TYR D 144 8.93 7.04 41.67
C TYR D 144 9.58 7.58 40.40
N THR D 145 9.34 6.91 39.27
CA THR D 145 9.80 7.41 37.97
C THR D 145 8.68 7.44 36.94
N VAL D 146 8.69 8.49 36.13
CA VAL D 146 7.82 8.61 34.97
C VAL D 146 8.66 9.15 33.82
N SER D 147 8.70 8.40 32.72
CA SER D 147 9.54 8.74 31.58
C SER D 147 8.71 8.87 30.32
N PHE D 148 8.64 10.10 29.80
CA PHE D 148 7.91 10.43 28.58
C PHE D 148 6.45 9.96 28.58
N GLY D 149 5.83 10.04 29.74
CA GLY D 149 4.45 9.61 29.90
C GLY D 149 3.53 10.65 30.50
N ILE D 150 4.08 11.47 31.40
CA ILE D 150 3.27 12.43 32.17
C ILE D 150 2.60 13.50 31.29
N ARG D 151 3.18 13.77 30.11
CA ARG D 151 2.61 14.73 29.16
C ARG D 151 1.29 14.24 28.55
N ASN D 152 1.03 12.95 28.66
CA ASN D 152 -0.18 12.34 28.09
C ASN D 152 -1.33 12.25 29.10
N PHE D 153 -1.02 12.56 30.36
CA PHE D 153 -2.01 12.62 31.42
C PHE D 153 -3.00 13.74 31.12
N THR D 154 -4.29 13.45 31.22
CA THR D 154 -5.32 14.47 31.06
C THR D 154 -5.28 15.49 32.20
N ASP D 155 -4.75 15.07 33.35
CA ASP D 155 -4.52 15.95 34.49
C ASP D 155 -3.14 15.70 35.08
N ILE D 156 -2.19 16.59 34.75
CA ILE D 156 -0.79 16.46 35.15
C ILE D 156 -0.60 16.67 36.65
N GLN D 157 -1.26 17.70 37.20
CA GLN D 157 -1.16 18.02 38.62
C GLN D 157 -1.65 16.87 39.50
N LYS D 158 -2.79 16.29 39.14
CA LYS D 158 -3.37 15.16 39.87
C LYS D 158 -2.42 13.97 39.88
N GLY D 159 -1.71 13.76 38.77
CA GLY D 159 -0.69 12.73 38.65
C GLY D 159 0.51 13.00 39.54
N LEU D 160 0.85 14.29 39.68
CA LEU D 160 1.94 14.71 40.58
C LEU D 160 1.56 14.55 42.04
N ASN D 161 0.30 14.85 42.37
CA ASN D 161 -0.22 14.67 43.72
C ASN D 161 -0.30 13.20 44.10
N THR D 162 -0.69 12.38 43.14
CA THR D 162 -0.73 10.92 43.30
C THR D 162 0.68 10.35 43.50
N ALA D 163 1.66 10.94 42.81
CA ALA D 163 3.06 10.57 42.95
C ALA D 163 3.54 10.84 44.39
N TYR D 164 3.13 11.97 44.93
CA TYR D 164 3.46 12.36 46.31
C TYR D 164 2.81 11.39 47.31
N ARG D 165 1.53 11.12 47.10
CA ARG D 165 0.75 10.21 47.93
C ARG D 165 1.40 8.83 48.04
N VAL D 166 1.86 8.30 46.90
CA VAL D 166 2.41 6.95 46.78
C VAL D 166 3.76 6.77 47.49
N LEU D 167 4.60 7.80 47.44
CA LEU D 167 5.93 7.77 48.06
C LEU D 167 5.87 7.92 49.57
N LYS D 168 6.87 7.37 50.26
CA LYS D 168 7.03 7.57 51.70
C LYS D 168 8.17 8.56 51.99
N PRO D 169 8.15 9.24 53.15
CA PRO D 169 9.15 10.25 53.52
C PRO D 169 10.57 9.91 53.07
N GLY D 170 11.22 10.87 52.42
CA GLY D 170 12.55 10.67 51.85
C GLY D 170 12.50 10.08 50.44
N GLY D 171 11.28 9.88 49.94
CA GLY D 171 11.06 9.32 48.61
C GLY D 171 11.36 10.30 47.49
N ILE D 172 12.01 9.80 46.44
CA ILE D 172 12.47 10.63 45.33
C ILE D 172 11.54 10.51 44.12
N PHE D 173 11.05 11.66 43.66
CA PHE D 173 10.31 11.76 42.41
C PHE D 173 11.29 12.12 41.30
N TYR D 174 11.20 11.41 40.18
CA TYR D 174 12.10 11.65 39.05
C TYR D 174 11.29 11.59 37.76
N CYS D 175 11.41 12.63 36.94
CA CYS D 175 10.64 12.74 35.71
C CYS D 175 11.53 13.05 34.52
N LEU D 176 11.40 12.24 33.47
CA LEU D 176 12.00 12.54 32.19
C LEU D 176 10.88 12.87 31.21
N GLU D 177 10.96 14.04 30.60
CA GLU D 177 9.92 14.52 29.70
C GLU D 177 10.44 15.58 28.75
N PHE D 178 9.79 15.71 27.60
CA PHE D 178 10.03 16.80 26.67
C PHE D 178 9.82 18.14 27.36
N SER D 179 10.51 19.18 26.90
CA SER D 179 10.41 20.49 27.50
C SER D 179 10.45 21.62 26.47
N LYS D 180 10.82 22.82 26.93
CA LYS D 180 10.93 23.99 26.08
C LYS D 180 12.39 24.21 25.71
N ILE D 181 12.64 24.45 24.43
CA ILE D 181 13.98 24.78 23.95
C ILE D 181 14.21 26.28 24.09
N GLU D 182 15.27 26.65 24.81
CA GLU D 182 15.57 28.05 25.14
C GLU D 182 16.05 28.81 23.91
N ASN D 183 17.05 28.24 23.23
CA ASN D 183 17.65 28.83 22.05
C ASN D 183 16.65 28.96 20.90
N PRO D 184 16.44 30.21 20.41
CA PRO D 184 15.48 30.53 19.34
C PRO D 184 15.74 29.85 18.00
N LEU D 185 17.01 29.64 17.64
CA LEU D 185 17.36 28.95 16.40
C LEU D 185 16.96 27.49 16.43
N MET D 186 17.31 26.82 17.53
CA MET D 186 17.04 25.41 17.70
C MET D 186 15.55 25.13 17.84
N ASP D 187 14.87 26.01 18.57
CA ASP D 187 13.42 25.89 18.73
C ASP D 187 12.73 26.05 17.38
N PHE D 188 13.20 27.00 16.57
CA PHE D 188 12.64 27.23 15.24
C PHE D 188 12.80 26.01 14.34
N ALA D 189 13.96 25.36 14.40
CA ALA D 189 14.20 24.12 13.66
C ALA D 189 13.32 22.98 14.18
N TYR D 190 13.15 22.91 15.49
CA TYR D 190 12.28 21.92 16.10
C TYR D 190 10.81 22.09 15.70
N GLN D 191 10.35 23.32 15.60
CA GLN D 191 8.97 23.59 15.20
C GLN D 191 8.67 23.10 13.78
N GLN D 192 9.63 23.27 12.88
CA GLN D 192 9.49 22.79 11.50
C GLN D 192 9.50 21.26 11.46
N TRP D 193 10.36 20.66 12.27
CA TRP D 193 10.40 19.22 12.49
C TRP D 193 9.07 18.73 12.98
N ALA D 194 8.51 19.44 13.96
CA ALA D 194 7.20 19.12 14.51
C ALA D 194 6.06 19.34 13.50
N LYS D 195 6.26 20.28 12.56
CA LYS D 195 5.28 20.53 11.51
C LYS D 195 5.24 19.43 10.44
N VAL D 196 6.42 18.95 10.06
CA VAL D 196 6.54 18.00 8.94
C VAL D 196 6.28 16.54 9.35
N LEU D 197 6.46 16.24 10.64
CA LEU D 197 6.26 14.87 11.15
C LEU D 197 4.85 14.29 10.95
N PRO D 198 3.79 15.05 11.30
CA PRO D 198 2.44 14.52 11.07
C PRO D 198 2.08 14.38 9.60
N VAL D 199 2.66 15.24 8.76
CA VAL D 199 2.48 15.18 7.31
C VAL D 199 3.09 13.88 6.76
N MET D 200 4.33 13.60 7.14
CA MET D 200 5.03 12.38 6.73
C MET D 200 4.40 11.12 7.33
N GLY D 201 3.94 11.21 8.57
CA GLY D 201 3.30 10.09 9.27
C GLY D 201 1.99 9.71 8.62
N SER D 202 1.30 10.70 8.07
CA SER D 202 0.03 10.50 7.39
C SER D 202 0.24 9.90 6.00
N MET D 203 1.16 10.47 5.24
CA MET D 203 1.44 10.03 3.87
C MET D 203 2.02 8.61 3.80
N ILE D 204 2.89 8.28 4.76
CA ILE D 204 3.62 7.01 4.72
C ILE D 204 2.94 5.92 5.56
N ALA D 205 2.43 6.29 6.73
CA ALA D 205 1.91 5.30 7.69
C ALA D 205 0.43 5.45 8.04
N ASN D 206 -0.24 6.39 7.37
CA ASN D 206 -1.63 6.74 7.70
C ASN D 206 -1.81 6.99 9.21
N ASP D 207 -0.87 7.74 9.77
CA ASP D 207 -0.80 7.91 11.22
C ASP D 207 -0.75 9.38 11.64
N TYR D 208 -1.57 10.20 10.99
CA TYR D 208 -1.65 11.64 11.30
C TYR D 208 -1.97 11.89 12.77
N ASP D 209 -3.01 11.24 13.27
CA ASP D 209 -3.50 11.44 14.63
C ASP D 209 -2.45 11.19 15.70
N SER D 210 -1.67 10.11 15.55
CA SER D 210 -0.63 9.76 16.50
C SER D 210 0.47 10.82 16.59
N TYR D 211 0.96 11.26 15.45
CA TYR D 211 2.02 12.27 15.40
C TYR D 211 1.52 13.67 15.75
N GLN D 212 0.28 14.00 15.39
CA GLN D 212 -0.31 15.29 15.75
C GLN D 212 -0.52 15.39 17.25
N TYR D 213 -1.05 14.33 17.84
CA TYR D 213 -1.24 14.25 19.29
C TYR D 213 0.11 14.29 20.03
N LEU D 214 1.12 13.65 19.47
CA LEU D 214 2.47 13.69 20.03
C LEU D 214 3.02 15.12 20.04
N VAL D 215 2.95 15.79 18.89
CA VAL D 215 3.43 17.16 18.74
C VAL D 215 2.67 18.12 19.65
N GLU D 216 1.34 17.98 19.68
CA GLU D 216 0.50 18.84 20.50
C GLU D 216 0.67 18.61 21.99
N SER D 217 0.98 17.39 22.40
CA SER D 217 1.22 17.09 23.82
C SER D 217 2.51 17.71 24.34
N ILE D 218 3.52 17.82 23.46
CA ILE D 218 4.78 18.49 23.78
C ILE D 218 4.59 20.01 23.89
N GLU D 219 3.81 20.58 22.96
CA GLU D 219 3.46 22.00 22.97
C GLU D 219 2.70 22.44 24.21
N ARG D 220 1.71 21.65 24.61
CA ARG D 220 0.87 21.96 25.77
C ARG D 220 1.60 21.83 27.10
N PHE D 221 2.63 20.98 27.14
CA PHE D 221 3.35 20.68 28.37
C PHE D 221 4.08 21.92 28.93
N PRO D 222 3.93 22.17 30.25
CA PRO D 222 4.56 23.31 30.91
C PRO D 222 6.08 23.29 30.83
N ASP D 223 6.68 24.47 30.71
CA ASP D 223 8.14 24.60 30.61
C ASP D 223 8.85 24.24 31.92
N GLN D 224 10.18 24.26 31.88
CA GLN D 224 11.02 23.83 33.02
C GLN D 224 10.62 24.45 34.36
N GLU D 225 10.40 25.76 34.39
CA GLU D 225 10.07 26.48 35.63
C GLU D 225 8.63 26.26 36.10
N THR D 226 7.69 26.27 35.16
CA THR D 226 6.28 26.05 35.48
C THR D 226 6.06 24.64 36.07
N PHE D 227 6.66 23.64 35.41
CA PHE D 227 6.54 22.25 35.85
C PHE D 227 7.15 22.04 37.23
N LYS D 228 8.30 22.67 37.48
CA LYS D 228 8.95 22.68 38.80
C LYS D 228 8.04 23.24 39.89
N SER D 229 7.31 24.30 39.57
CA SER D 229 6.33 24.90 40.49
C SER D 229 5.19 23.95 40.78
N MET D 230 4.74 23.22 39.77
CA MET D 230 3.68 22.23 39.90
C MET D 230 4.13 21.06 40.76
N ILE D 231 5.41 20.72 40.68
CA ILE D 231 6.03 19.70 41.52
C ILE D 231 6.12 20.18 42.97
N GLU D 232 6.47 21.45 43.16
CA GLU D 232 6.50 22.07 44.49
C GLU D 232 5.09 22.19 45.07
N LYS D 233 4.12 22.55 44.22
CA LYS D 233 2.71 22.65 44.60
C LYS D 233 2.14 21.30 45.05
N ALA D 234 2.71 20.22 44.52
CA ALA D 234 2.31 18.86 44.89
C ALA D 234 2.78 18.52 46.31
N GLY D 235 3.78 19.23 46.80
CA GLY D 235 4.31 19.04 48.15
C GLY D 235 5.77 18.64 48.21
N PHE D 236 6.39 18.49 47.04
CA PHE D 236 7.80 18.07 46.96
C PHE D 236 8.75 19.19 47.33
N LYS D 237 9.84 18.83 48.00
CA LYS D 237 10.85 19.78 48.43
C LYS D 237 12.18 19.52 47.73
N SER D 238 13.08 20.49 47.78
CA SER D 238 14.36 20.49 47.07
C SER D 238 14.18 20.12 45.59
N ALA D 239 13.14 20.71 44.99
CA ALA D 239 12.79 20.45 43.60
C ALA D 239 13.72 21.21 42.65
N GLY D 240 14.13 20.53 41.59
CA GLY D 240 14.98 21.12 40.57
C GLY D 240 14.84 20.42 39.23
N TYR D 241 15.59 20.89 38.24
CA TYR D 241 15.58 20.30 36.92
C TYR D 241 16.92 20.41 36.22
N GLU D 242 17.13 19.56 35.21
CA GLU D 242 18.30 19.64 34.34
C GLU D 242 17.84 19.49 32.90
N SER D 243 17.98 20.58 32.14
CA SER D 243 17.65 20.56 30.71
C SER D 243 18.67 19.74 29.94
N LEU D 244 18.18 18.80 29.14
CA LEU D 244 19.01 17.94 28.32
C LEU D 244 18.91 18.34 26.85
N THR D 245 20.05 18.32 26.17
CA THR D 245 20.15 18.73 24.76
C THR D 245 19.39 20.04 24.51
N PHE D 246 19.85 21.11 25.13
CA PHE D 246 19.31 22.46 24.95
C PHE D 246 17.83 22.61 25.36
N GLY D 247 17.33 21.64 26.12
CA GLY D 247 15.97 21.70 26.63
C GLY D 247 14.89 21.03 25.81
N ILE D 248 15.30 20.21 24.82
CA ILE D 248 14.34 19.40 24.04
C ILE D 248 13.59 18.48 25.00
N CYS D 249 14.32 17.99 26.00
CA CYS D 249 13.72 17.31 27.13
C CYS D 249 14.41 17.77 28.43
N ALA D 250 13.87 17.35 29.57
CA ALA D 250 14.39 17.76 30.88
C ALA D 250 14.17 16.70 31.94
N ILE D 251 15.07 16.66 32.92
CA ILE D 251 14.91 15.81 34.08
C ILE D 251 14.49 16.69 35.26
N HIS D 252 13.28 16.45 35.76
CA HIS D 252 12.78 17.13 36.95
C HIS D 252 12.82 16.20 38.13
N TRP D 253 13.08 16.76 39.31
CA TRP D 253 13.10 15.97 40.54
C TRP D 253 12.41 16.63 41.71
N GLY D 254 12.23 15.86 42.77
CA GLY D 254 11.61 16.32 44.00
C GLY D 254 11.72 15.25 45.07
N ILE D 255 11.85 15.68 46.32
CA ILE D 255 11.93 14.76 47.46
C ILE D 255 10.77 15.01 48.41
N LYS D 256 10.17 13.93 48.92
CA LYS D 256 9.02 14.04 49.82
C LYS D 256 9.43 14.50 51.23
N VAL D 257 8.76 15.55 51.70
CA VAL D 257 8.97 16.13 53.03
C VAL D 257 10.43 16.56 53.24
C TAM E . -0.71 18.93 -6.23
C1 TAM E . -1.01 17.49 -5.84
C2 TAM E . -1.65 19.93 -5.54
C3 TAM E . 0.76 19.30 -5.94
C4 TAM E . -0.58 16.44 -6.87
C5 TAM E . -3.10 19.46 -5.39
C6 TAM E . 1.05 19.60 -4.46
N TAM E . -0.91 19.11 -7.66
O4 TAM E . -0.70 15.12 -6.32
O5 TAM E . -3.82 20.45 -4.65
O6 TAM E . 2.45 19.81 -4.28
N SAM F . 20.28 -4.83 7.07
CA SAM F . 19.26 -4.02 6.43
C SAM F . 18.70 -4.71 5.20
O SAM F . 19.41 -5.55 4.61
OXT SAM F . 17.54 -4.42 4.84
CB SAM F . 19.81 -2.63 6.08
CG SAM F . 21.04 -2.64 5.17
SD SAM F . 22.20 -1.56 5.69
CE SAM F . 21.50 -0.06 5.89
C5' SAM F . 23.43 -1.40 4.58
C4' SAM F . 24.44 -2.55 4.67
O4' SAM F . 25.08 -2.75 3.42
C3' SAM F . 25.54 -2.27 5.68
O3' SAM F . 25.55 -3.35 6.62
C2' SAM F . 26.84 -2.25 4.89
O2' SAM F . 27.90 -2.92 5.58
C1' SAM F . 26.48 -3.01 3.62
N9 SAM F . 27.29 -2.60 2.44
C8 SAM F . 27.57 -1.34 2.04
N7 SAM F . 28.35 -1.35 0.93
C5 SAM F . 28.58 -2.63 0.59
C6 SAM F . 29.33 -3.35 -0.47
N6 SAM F . 29.99 -2.67 -1.44
N1 SAM F . 29.31 -4.70 -0.46
C2 SAM F . 28.64 -5.39 0.49
N3 SAM F . 27.96 -4.81 1.49
C4 SAM F . 27.88 -3.45 1.59
N SAM G . -20.50 -6.55 -3.89
CA SAM G . -20.73 -5.75 -5.09
C SAM G . -19.41 -5.34 -5.68
O SAM G . -19.34 -5.21 -6.92
OXT SAM G . -18.44 -5.13 -4.92
CB SAM G . -21.52 -4.50 -4.71
CG SAM G . -22.43 -4.07 -5.85
SD SAM G . -23.32 -2.69 -5.50
CE SAM G . -22.31 -1.40 -5.21
C5' SAM G . -24.33 -2.89 -4.19
C4' SAM G . -25.29 -4.07 -4.38
O4' SAM G . -26.02 -4.31 -3.18
C3' SAM G . -26.30 -3.87 -5.49
O3' SAM G . -26.15 -4.94 -6.42
C2' SAM G . -27.65 -3.94 -4.81
O2' SAM G . -28.59 -4.69 -5.60
C1' SAM G . -27.37 -4.63 -3.49
N9 SAM G . -28.28 -4.18 -2.39
C8 SAM G . -28.71 -2.93 -2.16
N7 SAM G . -29.52 -2.89 -1.07
C5 SAM G . -29.63 -4.14 -0.59
C6 SAM G . -30.32 -4.81 0.54
N6 SAM G . -31.10 -4.10 1.40
N1 SAM G . -30.15 -6.14 0.69
C2 SAM G . -29.38 -6.87 -0.15
N3 SAM G . -28.72 -6.33 -1.20
C4 SAM G . -28.80 -4.99 -1.47
C TAM H . 0.07 21.13 4.51
C1 TAM H . 1.01 19.94 4.38
C2 TAM H . -1.28 20.68 5.09
C3 TAM H . 0.72 22.24 5.35
C4 TAM H . 2.09 20.10 3.31
C5 TAM H . -1.25 20.32 6.58
C6 TAM H . 0.08 23.63 5.16
N TAM H . -0.21 21.65 3.16
O4 TAM H . 1.54 19.76 2.03
O5 TAM H . -1.59 18.94 6.74
O6 TAM H . 0.47 24.15 3.89
N SAM I . -4.86 1.06 -27.58
CA SAM I . -5.99 1.55 -26.83
C SAM I . -7.24 1.40 -27.65
O SAM I . -8.00 0.44 -27.42
OXT SAM I . -7.49 2.25 -28.55
CB SAM I . -5.79 3.00 -26.38
CG SAM I . -4.75 3.77 -27.21
SD SAM I . -3.44 4.17 -26.26
CE SAM I . -3.84 5.46 -25.29
C5' SAM I . -2.13 4.60 -27.20
C4' SAM I . -1.45 3.38 -27.80
O4' SAM I . -0.79 3.74 -29.01
C3' SAM I . -0.39 2.79 -26.88
O3' SAM I . -0.66 1.39 -26.71
C2' SAM I . 0.94 2.99 -27.57
O2' SAM I . 1.75 1.81 -27.50
C1' SAM I . 0.58 3.30 -29.01
N9 SAM I . 1.45 4.35 -29.62
C8 SAM I . 1.83 5.51 -29.04
N7 SAM I . 2.61 6.25 -29.87
C5 SAM I . 2.72 5.56 -31.03
C6 SAM I . 3.40 5.77 -32.34
N6 SAM I . 4.13 6.89 -32.57
N1 SAM I . 3.26 4.82 -33.28
C2 SAM I . 2.53 3.70 -33.06
N3 SAM I . 1.90 3.45 -31.90
C4 SAM I . 1.95 4.33 -30.86
N SAM J . 8.24 5.06 29.80
CA SAM J . 8.40 4.51 28.46
C SAM J . 9.48 5.23 27.70
O SAM J . 9.81 4.78 26.58
OXT SAM J . 10.01 6.24 28.21
CB SAM J . 7.08 4.53 27.69
CG SAM J . 6.42 5.91 27.66
SD SAM J . 5.34 5.99 26.40
CE SAM J . 6.00 6.99 25.25
C5' SAM J . 3.89 6.63 26.89
C4' SAM J . 3.13 5.62 27.75
O4' SAM J . 2.39 6.27 28.78
C3' SAM J . 2.13 4.82 26.93
O3' SAM J . 2.43 3.42 27.05
C2' SAM J . 0.77 5.11 27.58
O2' SAM J . -0.05 3.94 27.63
C1' SAM J . 1.15 5.59 28.97
N9 SAM J . 0.12 6.48 29.59
C8 SAM J . -0.55 7.49 28.99
N7 SAM J . -1.41 8.08 29.87
C5 SAM J . -1.29 7.44 31.04
C6 SAM J . -1.92 7.57 32.39
N6 SAM J . -2.85 8.50 32.65
N1 SAM J . -1.50 6.70 33.35
C2 SAM J . -0.57 5.75 33.10
N3 SAM J . 0.03 5.59 31.91
C4 SAM J . -0.28 6.39 30.85
#